data_3GOY
#
_entry.id   3GOY
#
_cell.length_a   82.750
_cell.length_b   144.270
_cell.length_c   79.700
_cell.angle_alpha   90.00
_cell.angle_beta   100.55
_cell.angle_gamma   90.00
#
_symmetry.space_group_name_H-M   'C 1 2 1'
#
loop_
_entity.id
_entity.type
_entity.pdbx_description
1 polymer 'Poly [ADP-ribose] polymerase 14'
2 non-polymer 3-aminobenzamide
#
_entity_poly.entity_id   1
_entity_poly.type   'polypeptide(L)'
_entity_poly.pdbx_seq_one_letter_code
;SMDMKQQNFCVVELLPSDPEYNTVASKFNQTCSHFRIEKIERIQNPDLWNSYQAKKKTMDAKNGQTMNEKQLFHGTDAGS
VPHVNRNGFNRSYAGKNAVAYGKGTYFAVNANYSANDTYSRPDANGRKHVYYVRVLTGIYTHGNHSLIVPPSKNPQNPTD
LYDTVTDNVHHPSLFVAFYDYQAYPEYLITFRK
;
_entity_poly.pdbx_strand_id   A,B,C,D
#
loop_
_chem_comp.id
_chem_comp.type
_chem_comp.name
_chem_comp.formula
3AB non-polymer 3-aminobenzamide 'C7 H8 N2 O'
#
# COMPACT_ATOMS: atom_id res chain seq x y z
N LYS A 5 -16.39 11.41 -26.35
CA LYS A 5 -16.82 12.80 -26.47
C LYS A 5 -18.26 12.94 -27.00
N GLN A 6 -18.47 12.52 -28.24
CA GLN A 6 -19.79 12.60 -28.88
C GLN A 6 -20.42 11.20 -28.89
N GLN A 7 -21.17 10.87 -27.84
CA GLN A 7 -21.57 9.49 -27.63
C GLN A 7 -22.77 9.05 -28.48
N ASN A 8 -22.74 9.43 -29.75
CA ASN A 8 -23.83 9.08 -30.66
C ASN A 8 -23.96 7.58 -30.67
N PHE A 9 -25.06 7.08 -31.22
CA PHE A 9 -25.38 5.67 -31.09
C PHE A 9 -26.43 5.21 -32.09
N CYS A 10 -26.51 3.90 -32.28
CA CYS A 10 -27.51 3.33 -33.16
C CYS A 10 -28.26 2.23 -32.42
N VAL A 11 -29.52 2.03 -32.79
CA VAL A 11 -30.33 1.01 -32.15
C VAL A 11 -30.74 -0.09 -33.10
N VAL A 12 -30.16 -1.27 -32.88
CA VAL A 12 -30.39 -2.44 -33.72
C VAL A 12 -31.40 -3.38 -33.10
N GLU A 13 -32.47 -3.68 -33.83
CA GLU A 13 -33.47 -4.63 -33.33
C GLU A 13 -33.04 -6.06 -33.53
N LEU A 14 -33.04 -6.84 -32.46
CA LEU A 14 -32.67 -8.26 -32.52
C LEU A 14 -33.78 -9.08 -33.12
N LEU A 15 -33.38 -10.00 -33.98
CA LEU A 15 -34.31 -10.85 -34.68
C LEU A 15 -34.71 -12.04 -33.81
N PRO A 16 -36.02 -12.19 -33.57
CA PRO A 16 -36.52 -13.41 -32.94
C PRO A 16 -35.98 -14.57 -33.76
N SER A 17 -35.43 -15.58 -33.09
CA SER A 17 -34.76 -16.68 -33.78
C SER A 17 -33.30 -16.34 -33.95
N ASP A 18 -32.74 -15.72 -32.91
CA ASP A 18 -31.32 -15.41 -32.84
C ASP A 18 -30.73 -15.89 -31.53
N PRO A 19 -29.44 -16.25 -31.55
CA PRO A 19 -28.73 -16.66 -30.34
C PRO A 19 -28.78 -15.59 -29.26
N GLU A 20 -28.24 -14.43 -29.61
CA GLU A 20 -28.19 -13.26 -28.74
C GLU A 20 -29.59 -12.98 -28.19
N TYR A 21 -30.60 -13.15 -29.04
CA TYR A 21 -31.99 -12.89 -28.67
C TYR A 21 -32.47 -13.87 -27.63
N ASN A 22 -32.36 -15.16 -27.94
CA ASN A 22 -32.87 -16.19 -27.05
C ASN A 22 -32.24 -16.06 -25.68
N THR A 23 -30.94 -15.73 -25.66
CA THR A 23 -30.21 -15.60 -24.41
C THR A 23 -30.84 -14.57 -23.49
N VAL A 24 -31.04 -13.37 -23.99
CA VAL A 24 -31.63 -12.31 -23.18
C VAL A 24 -33.04 -12.73 -22.79
CA ALA A 25 -35.26 -13.60 -23.63
C ALA A 25 -35.30 -14.64 -22.51
N SER A 26 -34.34 -15.54 -22.51
CA SER A 26 -34.22 -16.54 -21.44
C SER A 26 -34.25 -15.87 -20.08
N LYS A 27 -33.15 -15.21 -19.74
CA LYS A 27 -32.94 -14.59 -18.43
C LYS A 27 -34.10 -13.70 -18.04
N PHE A 28 -34.68 -13.01 -19.01
CA PHE A 28 -35.86 -12.21 -18.73
C PHE A 28 -37.02 -13.13 -18.33
N ASN A 29 -37.43 -13.99 -19.25
CA ASN A 29 -38.54 -14.90 -19.00
C ASN A 29 -38.38 -15.75 -17.74
N GLN A 30 -37.18 -15.73 -17.17
CA GLN A 30 -36.89 -16.53 -16.00
C GLN A 30 -37.69 -16.11 -14.76
N THR A 31 -38.27 -14.92 -14.79
CA THR A 31 -39.10 -14.44 -13.68
C THR A 31 -40.22 -13.61 -14.27
N CYS A 32 -40.09 -13.30 -15.55
CA CYS A 32 -41.05 -12.45 -16.24
C CYS A 32 -41.64 -13.13 -17.46
N SER A 33 -41.90 -14.43 -17.32
CA SER A 33 -42.52 -15.24 -18.37
C SER A 33 -43.96 -14.82 -18.63
N HIS A 34 -44.63 -14.37 -17.57
CA HIS A 34 -46.00 -13.87 -17.66
C HIS A 34 -46.04 -12.53 -18.41
N PHE A 35 -44.97 -12.25 -19.14
CA PHE A 35 -44.86 -11.01 -19.88
C PHE A 35 -44.69 -11.27 -21.38
N ARG A 36 -45.31 -10.40 -22.19
CA ARG A 36 -45.18 -10.45 -23.64
C ARG A 36 -44.09 -9.49 -24.11
N ILE A 37 -43.01 -10.04 -24.64
CA ILE A 37 -41.89 -9.24 -25.13
C ILE A 37 -42.16 -8.72 -26.54
N GLU A 38 -42.54 -7.45 -26.65
CA GLU A 38 -42.76 -6.83 -27.95
C GLU A 38 -41.48 -6.79 -28.79
N LYS A 39 -40.46 -6.08 -28.30
CA LYS A 39 -39.19 -6.04 -29.02
C LYS A 39 -37.97 -6.08 -28.11
N ILE A 40 -36.83 -6.46 -28.69
CA ILE A 40 -35.55 -6.44 -28.00
C ILE A 40 -34.48 -5.80 -28.88
N GLU A 41 -33.77 -4.82 -28.33
CA GLU A 41 -32.83 -4.05 -29.13
C GLU A 41 -31.44 -3.97 -28.48
N ARG A 42 -30.40 -4.24 -29.26
CA ARG A 42 -29.06 -4.01 -28.78
C ARG A 42 -28.70 -2.55 -29.00
N ILE A 43 -28.03 -1.95 -28.03
CA ILE A 43 -27.62 -0.57 -28.15
C ILE A 43 -26.11 -0.44 -28.41
N GLN A 44 -25.78 0.24 -29.50
CA GLN A 44 -24.41 0.34 -29.98
C GLN A 44 -23.86 1.77 -29.92
N ASN A 45 -23.23 2.09 -28.79
CA ASN A 45 -22.56 3.36 -28.62
C ASN A 45 -21.10 3.22 -28.31
N PRO A 46 -20.26 3.26 -29.34
CA PRO A 46 -18.81 3.09 -29.20
C PRO A 46 -18.13 3.94 -28.15
N ASP A 47 -18.68 5.08 -27.82
CA ASP A 47 -18.01 5.89 -26.81
C ASP A 47 -18.31 5.38 -25.42
N LEU A 48 -19.54 4.91 -25.21
CA LEU A 48 -19.88 4.29 -23.94
C LEU A 48 -19.18 2.96 -23.77
N TRP A 49 -19.08 2.20 -24.86
CA TRP A 49 -18.42 0.91 -24.82
C TRP A 49 -16.96 1.07 -24.44
N ASN A 50 -16.32 2.10 -24.99
CA ASN A 50 -14.91 2.37 -24.69
C ASN A 50 -14.71 2.80 -23.25
N SER A 51 -15.45 3.81 -22.82
CA SER A 51 -15.32 4.32 -21.47
C SER A 51 -15.63 3.22 -20.45
N TYR A 52 -16.49 2.29 -20.85
CA TYR A 52 -16.83 1.18 -19.98
C TYR A 52 -15.69 0.16 -19.96
N GLN A 53 -15.18 -0.15 -21.15
CA GLN A 53 -14.16 -1.18 -21.27
C GLN A 53 -12.90 -0.79 -20.54
N ALA A 54 -12.52 0.46 -20.71
CA ALA A 54 -11.40 1.03 -19.96
C ALA A 54 -11.61 0.77 -18.48
N LYS A 55 -12.80 1.11 -18.00
CA LYS A 55 -13.16 0.92 -16.59
C LYS A 55 -12.95 -0.52 -16.15
N LYS A 56 -13.32 -1.44 -17.03
CA LYS A 56 -13.22 -2.86 -16.72
C LYS A 56 -11.76 -3.31 -16.66
N LYS A 57 -10.96 -2.87 -17.62
CA LYS A 57 -9.57 -3.29 -17.69
C LYS A 57 -8.84 -2.94 -16.40
N THR A 58 -9.13 -1.75 -15.89
CA THR A 58 -8.42 -1.26 -14.71
C THR A 58 -8.96 -1.92 -13.46
N MET A 59 -10.18 -2.44 -13.54
CA MET A 59 -10.74 -3.20 -12.44
C MET A 59 -10.19 -4.62 -12.52
N ASP A 60 -10.06 -5.10 -13.76
CA ASP A 60 -9.49 -6.42 -14.03
C ASP A 60 -8.06 -6.52 -13.54
N ALA A 61 -7.42 -5.36 -13.36
CA ALA A 61 -6.09 -5.33 -12.81
C ALA A 61 -6.19 -5.36 -11.28
N LYS A 62 -7.15 -4.62 -10.75
CA LYS A 62 -7.21 -4.34 -9.32
C LYS A 62 -7.75 -5.50 -8.46
N ASN A 63 -8.78 -6.18 -8.96
CA ASN A 63 -9.49 -7.15 -8.13
C ASN A 63 -9.13 -8.61 -8.33
N GLY A 64 -7.85 -8.91 -8.53
CA GLY A 64 -7.41 -10.28 -8.67
C GLY A 64 -8.39 -11.17 -9.42
N GLN A 65 -8.70 -12.31 -8.83
CA GLN A 65 -9.54 -13.33 -9.46
C GLN A 65 -10.99 -12.94 -9.64
N THR A 66 -11.38 -11.82 -9.08
CA THR A 66 -12.77 -11.39 -9.05
C THR A 66 -13.50 -11.36 -10.40
N MET A 67 -14.79 -11.66 -10.35
CA MET A 67 -15.66 -11.50 -11.51
C MET A 67 -16.32 -10.14 -11.40
N ASN A 68 -15.67 -9.13 -12.01
CA ASN A 68 -16.15 -7.76 -11.92
C ASN A 68 -17.50 -7.53 -12.62
N GLU A 69 -17.70 -8.19 -13.75
CA GLU A 69 -18.88 -7.93 -14.55
C GLU A 69 -20.06 -8.81 -14.15
N LYS A 70 -21.24 -8.20 -14.10
CA LYS A 70 -22.48 -8.95 -14.02
C LYS A 70 -23.46 -8.38 -15.03
N GLN A 71 -24.41 -9.17 -15.48
CA GLN A 71 -25.43 -8.63 -16.36
C GLN A 71 -26.75 -8.53 -15.61
N LEU A 72 -27.10 -7.31 -15.26
CA LEU A 72 -28.24 -7.04 -14.38
C LEU A 72 -29.36 -6.31 -15.12
N PHE A 73 -30.55 -6.32 -14.53
CA PHE A 73 -31.68 -5.68 -15.14
C PHE A 73 -31.97 -4.31 -14.55
N HIS A 74 -32.46 -3.41 -15.39
CA HIS A 74 -32.83 -2.09 -14.92
C HIS A 74 -34.08 -1.56 -15.63
N GLY A 75 -35.08 -1.14 -14.85
CA GLY A 75 -36.28 -0.61 -15.44
C GLY A 75 -36.52 0.87 -15.22
N THR A 76 -36.78 1.60 -16.30
CA THR A 76 -37.11 3.03 -16.23
C THR A 76 -38.31 3.36 -17.10
N ASP A 77 -38.66 4.65 -17.12
CA ASP A 77 -39.72 5.15 -17.98
C ASP A 77 -39.20 5.32 -19.40
N ALA A 78 -40.14 5.34 -20.34
CA ALA A 78 -39.80 5.47 -21.74
C ALA A 78 -39.00 6.75 -21.97
N GLY A 79 -39.34 7.79 -21.22
CA GLY A 79 -38.69 9.07 -21.37
C GLY A 79 -37.21 9.04 -21.08
N SER A 80 -36.80 8.10 -20.24
CA SER A 80 -35.41 7.98 -19.82
C SER A 80 -34.57 7.24 -20.85
N VAL A 81 -35.23 6.42 -21.65
CA VAL A 81 -34.54 5.56 -22.60
C VAL A 81 -33.53 6.33 -23.46
N PRO A 82 -33.99 7.37 -24.18
CA PRO A 82 -33.10 8.11 -25.07
C PRO A 82 -31.85 8.55 -24.30
N HIS A 83 -32.07 9.17 -23.14
CA HIS A 83 -30.96 9.57 -22.28
C HIS A 83 -30.01 8.40 -22.01
N VAL A 84 -30.59 7.24 -21.72
CA VAL A 84 -29.80 6.06 -21.37
C VAL A 84 -28.96 5.54 -22.52
N ASN A 85 -29.51 5.55 -23.72
CA ASN A 85 -28.76 5.08 -24.88
C ASN A 85 -27.56 5.98 -25.15
N ARG A 86 -27.78 7.29 -25.06
CA ARG A 86 -26.71 8.25 -25.20
C ARG A 86 -25.82 8.15 -23.99
N ASN A 87 -26.39 8.38 -22.81
CA ASN A 87 -25.59 8.72 -21.63
C ASN A 87 -25.32 7.60 -20.63
N GLY A 88 -26.24 6.64 -20.54
CA GLY A 88 -26.05 5.43 -19.77
C GLY A 88 -25.80 5.57 -18.28
N PHE A 89 -26.80 6.08 -17.56
CA PHE A 89 -26.71 6.18 -16.10
C PHE A 89 -25.70 7.22 -15.62
N ASN A 90 -25.92 8.47 -16.03
CA ASN A 90 -25.12 9.59 -15.58
C ASN A 90 -25.59 10.08 -14.23
N ARG A 91 -24.71 10.79 -13.53
CA ARG A 91 -25.06 11.40 -12.26
C ARG A 91 -26.33 12.23 -12.41
N ALA A 100 -32.95 2.95 -0.03
CA ALA A 100 -32.61 2.33 1.26
C ALA A 100 -31.13 1.93 1.36
N TYR A 101 -30.45 1.90 0.22
CA TYR A 101 -29.05 1.51 0.21
C TYR A 101 -28.16 2.61 -0.35
N GLY A 102 -28.75 3.75 -0.69
CA GLY A 102 -27.98 4.88 -1.18
C GLY A 102 -28.52 5.56 -2.42
N LYS A 103 -27.76 6.54 -2.90
CA LYS A 103 -28.15 7.34 -4.05
C LYS A 103 -27.29 7.07 -5.28
N GLY A 104 -27.65 5.99 -6.00
CA GLY A 104 -26.98 5.63 -7.23
C GLY A 104 -28.00 5.02 -8.14
N THR A 105 -27.55 4.21 -9.09
CA THR A 105 -28.51 3.47 -9.92
C THR A 105 -28.67 2.07 -9.38
N TYR A 106 -29.92 1.65 -9.25
CA TYR A 106 -30.25 0.31 -8.74
C TYR A 106 -30.39 -0.64 -9.90
N PHE A 107 -29.65 -1.74 -9.86
CA PHE A 107 -29.85 -2.84 -10.80
C PHE A 107 -30.29 -4.10 -10.08
N ALA A 108 -31.22 -4.83 -10.70
CA ALA A 108 -31.76 -6.04 -10.10
C ALA A 108 -31.10 -7.29 -10.66
N VAL A 109 -30.80 -8.22 -9.78
CA VAL A 109 -30.37 -9.56 -10.22
C VAL A 109 -31.43 -10.27 -11.05
N ASN A 110 -32.70 -10.09 -10.71
CA ASN A 110 -33.83 -10.73 -11.41
C ASN A 110 -34.75 -9.76 -12.11
N ALA A 111 -35.16 -10.11 -13.32
CA ALA A 111 -35.94 -9.22 -14.18
C ALA A 111 -37.17 -8.63 -13.50
N ASN A 112 -37.71 -9.36 -12.54
CA ASN A 112 -39.02 -9.04 -11.99
C ASN A 112 -39.02 -7.85 -11.02
N TYR A 113 -37.89 -7.64 -10.34
CA TYR A 113 -37.69 -6.44 -9.54
C TYR A 113 -37.90 -5.21 -10.41
N SER A 114 -37.31 -5.27 -11.59
CA SER A 114 -37.34 -4.17 -12.53
C SER A 114 -38.73 -3.95 -13.14
N ALA A 115 -39.51 -5.02 -13.23
CA ALA A 115 -40.85 -4.95 -13.85
C ALA A 115 -41.90 -4.16 -13.07
N ASN A 116 -41.67 -3.89 -11.78
CA ASN A 116 -42.52 -2.97 -11.04
C ASN A 116 -42.73 -1.68 -11.80
N ASP A 117 -43.95 -1.18 -11.77
CA ASP A 117 -44.32 -0.06 -12.60
C ASP A 117 -43.95 1.21 -11.90
N THR A 118 -43.34 1.08 -10.72
CA THR A 118 -42.78 2.26 -10.07
C THR A 118 -41.47 2.60 -10.74
N TYR A 119 -40.87 1.59 -11.35
CA TYR A 119 -39.60 1.70 -12.05
C TYR A 119 -39.77 1.74 -13.56
N SER A 120 -40.24 0.64 -14.12
CA SER A 120 -40.57 0.60 -15.55
C SER A 120 -41.97 1.09 -15.78
N ARG A 121 -42.19 2.38 -15.59
CA ARG A 121 -43.47 2.97 -15.94
C ARG A 121 -43.95 2.49 -17.30
N PRO A 122 -45.27 2.23 -17.41
CA PRO A 122 -45.96 1.97 -18.67
C PRO A 122 -46.37 3.25 -19.38
N ASP A 123 -46.16 3.32 -20.69
CA ASP A 123 -46.66 4.43 -21.47
C ASP A 123 -48.10 4.18 -21.90
N ALA A 124 -48.64 5.08 -22.71
CA ALA A 124 -50.02 4.95 -23.21
C ALA A 124 -50.28 3.59 -23.83
N ASN A 125 -49.23 3.00 -24.41
CA ASN A 125 -49.36 1.71 -25.06
C ASN A 125 -49.35 0.56 -24.07
N GLY A 126 -49.06 0.87 -22.81
CA GLY A 126 -48.86 -0.14 -21.80
C GLY A 126 -47.57 -0.90 -22.07
N ARG A 127 -46.76 -0.36 -22.97
CA ARG A 127 -45.44 -0.89 -23.26
C ARG A 127 -44.45 -0.47 -22.17
N LYS A 128 -43.60 -1.41 -21.77
CA LYS A 128 -42.68 -1.18 -20.67
C LYS A 128 -41.27 -1.49 -21.12
N HIS A 129 -40.30 -1.00 -20.38
CA HIS A 129 -38.91 -0.99 -20.81
C HIS A 129 -37.96 -1.44 -19.72
N VAL A 130 -37.16 -2.45 -20.02
CA VAL A 130 -36.09 -2.87 -19.12
C VAL A 130 -34.80 -3.16 -19.87
N TYR A 131 -33.74 -2.47 -19.45
CA TYR A 131 -32.41 -2.71 -20.00
C TYR A 131 -31.80 -3.92 -19.36
N TYR A 132 -31.07 -4.67 -20.17
CA TYR A 132 -30.29 -5.78 -19.66
C TYR A 132 -28.83 -5.36 -19.75
N VAL A 133 -28.25 -5.08 -18.58
CA VAL A 133 -27.09 -4.18 -18.47
C VAL A 133 -25.81 -4.86 -18.01
N ARG A 134 -24.69 -4.40 -18.54
CA ARG A 134 -23.39 -4.86 -18.05
C ARG A 134 -22.93 -3.94 -16.93
N VAL A 135 -22.87 -4.49 -15.72
CA VAL A 135 -22.55 -3.72 -14.56
C VAL A 135 -21.27 -4.26 -13.96
N LEU A 136 -20.32 -3.36 -13.76
CA LEU A 136 -19.07 -3.68 -13.10
C LEU A 136 -19.28 -3.69 -11.59
N THR A 137 -19.86 -4.78 -11.11
CA THR A 137 -20.08 -4.97 -9.69
C THR A 137 -18.77 -4.98 -8.91
N GLY A 138 -17.78 -5.70 -9.43
CA GLY A 138 -16.48 -5.82 -8.79
C GLY A 138 -16.60 -6.34 -7.38
N ILE A 139 -15.87 -5.70 -6.45
CA ILE A 139 -15.93 -6.07 -5.05
C ILE A 139 -16.96 -5.24 -4.30
N TYR A 140 -17.92 -5.93 -3.67
CA TYR A 140 -19.08 -5.25 -3.10
C TYR A 140 -19.39 -5.60 -1.64
N THR A 141 -20.21 -4.75 -1.03
CA THR A 141 -20.51 -4.81 0.39
C THR A 141 -21.94 -4.29 0.64
N HIS A 142 -22.41 -4.39 1.87
CA HIS A 142 -23.72 -3.86 2.24
C HIS A 142 -23.72 -2.34 2.21
N GLY A 143 -24.68 -1.78 1.51
CA GLY A 143 -24.81 -0.33 1.43
C GLY A 143 -25.94 0.21 2.29
N ASN A 144 -25.83 1.49 2.62
CA ASN A 144 -26.86 2.17 3.40
C ASN A 144 -27.25 3.51 2.75
N HIS A 145 -28.38 4.07 3.19
CA HIS A 145 -28.95 5.26 2.55
C HIS A 145 -28.04 6.48 2.50
N SER A 146 -27.03 6.52 3.38
CA SER A 146 -26.15 7.67 3.51
C SER A 146 -24.97 7.58 2.55
N LEU A 147 -25.20 7.03 1.36
CA LEU A 147 -24.11 6.76 0.43
C LEU A 147 -24.24 7.51 -0.89
N ILE A 148 -23.35 8.50 -1.06
CA ILE A 148 -23.20 9.19 -2.32
C ILE A 148 -22.20 8.41 -3.17
N VAL A 149 -21.31 7.72 -2.47
CA VAL A 149 -20.32 6.86 -3.11
C VAL A 149 -20.18 5.56 -2.32
N PRO A 150 -19.36 4.61 -2.82
CA PRO A 150 -19.17 3.41 -2.03
C PRO A 150 -18.28 3.66 -0.82
N PRO A 151 -18.52 2.95 0.28
CA PRO A 151 -17.68 3.01 1.49
C PRO A 151 -16.23 2.59 1.21
N SER A 152 -15.32 3.09 2.02
CA SER A 152 -13.93 2.66 1.91
C SER A 152 -13.82 1.20 2.34
N LYS A 153 -12.84 0.49 1.78
CA LYS A 153 -12.66 -0.91 2.08
C LYS A 153 -12.00 -1.10 3.44
N ASN A 154 -11.25 -0.09 3.87
CA ASN A 154 -10.64 -0.08 5.19
C ASN A 154 -10.56 1.34 5.76
N PRO A 155 -10.52 1.45 7.10
CA PRO A 155 -10.52 2.73 7.80
C PRO A 155 -9.17 3.43 7.76
N GLN A 156 -8.10 2.69 7.48
CA GLN A 156 -6.75 3.24 7.51
C GLN A 156 -6.45 4.19 6.36
N ASN A 157 -6.65 3.72 5.13
CA ASN A 157 -6.62 4.61 3.97
C ASN A 157 -7.98 4.65 3.30
N PRO A 158 -8.90 5.45 3.87
CA PRO A 158 -10.30 5.54 3.44
C PRO A 158 -10.47 5.94 1.97
N THR A 159 -9.35 6.01 1.25
CA THR A 159 -9.37 6.46 -0.14
C THR A 159 -9.81 5.36 -1.11
N ASP A 160 -9.31 4.14 -0.92
CA ASP A 160 -9.63 3.03 -1.82
C ASP A 160 -10.96 2.37 -1.47
N LEU A 161 -11.96 2.59 -2.31
CA LEU A 161 -13.33 2.17 -1.99
C LEU A 161 -13.71 0.81 -2.56
N TYR A 162 -14.97 0.46 -2.36
CA TYR A 162 -15.58 -0.68 -3.04
C TYR A 162 -16.02 -0.25 -4.44
N ASP A 163 -16.47 -1.20 -5.24
CA ASP A 163 -16.87 -0.90 -6.60
C ASP A 163 -18.35 -0.62 -6.68
N THR A 164 -19.11 -1.27 -5.79
CA THR A 164 -20.56 -1.15 -5.75
C THR A 164 -21.10 -1.59 -4.38
N VAL A 165 -22.41 -1.57 -4.21
CA VAL A 165 -23.02 -2.08 -2.97
C VAL A 165 -24.25 -2.94 -3.25
N THR A 166 -24.53 -3.86 -2.34
CA THR A 166 -25.68 -4.73 -2.47
C THR A 166 -26.51 -4.76 -1.19
N ASP A 167 -27.61 -5.51 -1.24
CA ASP A 167 -28.48 -5.65 -0.09
C ASP A 167 -27.96 -6.75 0.83
N ASN A 168 -27.13 -7.63 0.27
CA ASN A 168 -26.71 -8.83 0.96
C ASN A 168 -25.61 -9.53 0.18
N VAL A 169 -24.39 -9.54 0.70
CA VAL A 169 -23.26 -10.03 -0.08
C VAL A 169 -23.34 -11.52 -0.38
N HIS A 170 -23.90 -12.28 0.55
CA HIS A 170 -23.93 -13.72 0.39
C HIS A 170 -25.12 -14.22 -0.42
N HIS A 171 -26.06 -13.32 -0.73
CA HIS A 171 -27.18 -13.69 -1.57
C HIS A 171 -27.92 -12.47 -2.09
N PRO A 172 -27.22 -11.61 -2.85
CA PRO A 172 -27.74 -10.31 -3.29
C PRO A 172 -28.90 -10.46 -4.25
N SER A 173 -29.78 -9.48 -4.26
CA SER A 173 -30.84 -9.46 -5.28
C SER A 173 -30.81 -8.13 -6.04
N LEU A 174 -29.92 -7.23 -5.61
CA LEU A 174 -29.77 -5.94 -6.26
C LEU A 174 -28.40 -5.30 -6.00
N PHE A 175 -27.90 -4.57 -6.98
CA PHE A 175 -26.66 -3.82 -6.84
C PHE A 175 -26.90 -2.38 -7.15
N VAL A 176 -26.12 -1.51 -6.48
CA VAL A 176 -26.23 -0.07 -6.64
C VAL A 176 -24.88 0.48 -7.05
N ALA A 177 -24.81 1.03 -8.26
CA ALA A 177 -23.58 1.63 -8.75
C ALA A 177 -23.57 3.14 -8.53
N PHE A 178 -22.37 3.72 -8.38
CA PHE A 178 -22.27 5.15 -8.11
C PHE A 178 -21.40 5.94 -9.10
N TYR A 179 -20.95 5.33 -10.20
CA TYR A 179 -20.02 6.03 -11.09
C TYR A 179 -20.44 6.04 -12.55
N ASP A 180 -19.93 7.03 -13.28
CA ASP A 180 -20.51 7.43 -14.57
C ASP A 180 -20.31 6.45 -15.70
N TYR A 181 -19.34 5.56 -15.56
CA TYR A 181 -19.10 4.60 -16.64
C TYR A 181 -19.00 3.15 -16.18
N GLN A 182 -19.87 2.75 -15.27
CA GLN A 182 -19.81 1.42 -14.67
C GLN A 182 -20.79 0.43 -15.29
N ALA A 183 -21.62 0.89 -16.20
CA ALA A 183 -22.60 0.02 -16.82
C ALA A 183 -22.73 0.36 -18.29
N TYR A 184 -23.02 -0.64 -19.12
CA TYR A 184 -23.30 -0.39 -20.52
C TYR A 184 -24.65 -1.01 -20.88
N PRO A 185 -25.56 -0.19 -21.42
CA PRO A 185 -26.95 -0.62 -21.68
C PRO A 185 -27.05 -1.53 -22.91
N GLU A 186 -26.48 -2.72 -22.84
CA GLU A 186 -26.32 -3.53 -24.03
C GLU A 186 -27.65 -3.86 -24.72
N TYR A 187 -28.66 -4.22 -23.94
CA TYR A 187 -29.94 -4.57 -24.52
C TYR A 187 -31.07 -3.78 -23.90
N LEU A 188 -32.07 -3.44 -24.73
CA LEU A 188 -33.31 -2.89 -24.27
C LEU A 188 -34.47 -3.84 -24.56
N ILE A 189 -35.13 -4.29 -23.51
CA ILE A 189 -36.29 -5.14 -23.62
C ILE A 189 -37.53 -4.26 -23.55
N THR A 190 -38.39 -4.41 -24.56
CA THR A 190 -39.70 -3.78 -24.54
C THR A 190 -40.76 -4.87 -24.42
N PHE A 191 -41.55 -4.82 -23.36
CA PHE A 191 -42.51 -5.86 -23.06
C PHE A 191 -43.85 -5.24 -22.68
N ARG A 192 -44.88 -6.09 -22.61
CA ARG A 192 -46.26 -5.60 -22.56
C ARG A 192 -47.08 -6.16 -21.41
N LYS A 193 -46.90 -7.43 -21.10
CA LYS A 193 -47.74 -8.12 -20.11
C LYS A 193 -49.10 -8.48 -20.70
N LYS B 5 12.20 37.32 -15.45
CA LYS B 5 11.81 38.72 -15.59
C LYS B 5 10.37 38.88 -16.11
N GLN B 6 10.12 38.44 -17.34
CA GLN B 6 8.80 38.54 -17.97
C GLN B 6 8.15 37.15 -17.94
N GLN B 7 7.40 36.85 -16.88
CA GLN B 7 6.97 35.47 -16.66
C GLN B 7 5.75 35.08 -17.50
N ASN B 8 5.77 35.44 -18.77
CA ASN B 8 4.69 35.08 -19.66
C ASN B 8 4.51 33.58 -19.66
N PHE B 9 3.41 33.10 -20.23
CA PHE B 9 3.03 31.72 -20.05
C PHE B 9 1.94 31.24 -21.02
N CYS B 10 1.83 29.94 -21.17
CA CYS B 10 0.83 29.38 -22.06
C CYS B 10 0.07 28.29 -21.33
N VAL B 11 -1.20 28.12 -21.69
CA VAL B 11 -2.03 27.14 -21.02
C VAL B 11 -2.47 26.00 -21.93
N VAL B 12 -1.93 24.82 -21.66
CA VAL B 12 -2.17 23.68 -22.54
C VAL B 12 -3.20 22.77 -21.89
N GLU B 13 -4.29 22.49 -22.60
CA GLU B 13 -5.28 21.56 -22.09
C GLU B 13 -4.87 20.12 -22.28
N LEU B 14 -4.90 19.35 -21.19
CA LEU B 14 -4.56 17.93 -21.25
C LEU B 14 -5.70 17.11 -21.84
N LEU B 15 -5.32 16.15 -22.67
CA LEU B 15 -6.28 15.32 -23.37
C LEU B 15 -6.70 14.16 -22.50
N PRO B 16 -8.00 14.03 -22.24
CA PRO B 16 -8.51 12.82 -21.58
C PRO B 16 -8.01 11.65 -22.38
N SER B 17 -7.47 10.64 -21.73
CA SER B 17 -6.83 9.51 -22.40
C SER B 17 -5.36 9.82 -22.59
N ASP B 18 -4.78 10.46 -21.56
CA ASP B 18 -3.36 10.74 -21.52
C ASP B 18 -2.75 10.25 -20.21
N PRO B 19 -1.47 9.87 -20.25
CA PRO B 19 -0.75 9.45 -19.05
C PRO B 19 -0.76 10.53 -17.99
N GLU B 20 -0.21 11.68 -18.35
CA GLU B 20 -0.13 12.85 -17.50
C GLU B 20 -1.52 13.18 -16.94
N TYR B 21 -2.54 13.00 -17.75
CA TYR B 21 -3.91 13.31 -17.36
C TYR B 21 -4.41 12.33 -16.31
N ASN B 22 -4.34 11.05 -16.62
CA ASN B 22 -4.86 10.04 -15.71
C ASN B 22 -4.19 10.17 -14.35
N THR B 23 -2.88 10.48 -14.36
CA THR B 23 -2.12 10.61 -13.12
C THR B 23 -2.72 11.66 -12.19
N VAL B 24 -2.89 12.86 -12.71
CA VAL B 24 -3.49 13.92 -11.91
C VAL B 24 -4.89 13.53 -11.51
N ALA B 25 -5.69 13.13 -12.49
CA ALA B 25 -7.07 12.70 -12.26
C ALA B 25 -7.16 11.68 -11.14
N SER B 26 -6.24 10.72 -11.16
CA SER B 26 -6.14 9.75 -10.09
C SER B 26 -6.12 10.44 -8.75
N LYS B 27 -4.99 11.07 -8.43
CA LYS B 27 -4.77 11.71 -7.14
C LYS B 27 -5.92 12.62 -6.73
N PHE B 28 -6.48 13.33 -7.69
CA PHE B 28 -7.63 14.16 -7.39
C PHE B 28 -8.79 13.27 -6.98
N ASN B 29 -9.22 12.39 -7.87
CA ASN B 29 -10.36 11.51 -7.62
C ASN B 29 -10.21 10.67 -6.35
N GLN B 30 -9.01 10.70 -5.78
CA GLN B 30 -8.70 9.90 -4.60
C GLN B 30 -9.46 10.34 -3.36
N THR B 31 -10.01 11.55 -3.38
CA THR B 31 -10.84 12.03 -2.29
C THR B 31 -11.95 12.88 -2.87
N CYS B 32 -11.83 13.18 -4.15
CA CYS B 32 -12.78 14.04 -4.84
C CYS B 32 -13.42 13.35 -6.03
N SER B 33 -13.72 12.06 -5.86
CA SER B 33 -14.35 11.26 -6.89
C SER B 33 -15.80 11.70 -7.14
N HIS B 34 -16.45 12.17 -6.09
CA HIS B 34 -17.80 12.71 -6.18
C HIS B 34 -17.83 14.02 -6.94
N PHE B 35 -16.76 14.30 -7.67
CA PHE B 35 -16.64 15.53 -8.44
C PHE B 35 -16.49 15.26 -9.92
N ARG B 36 -17.07 16.15 -10.73
CA ARG B 36 -16.97 16.07 -12.18
C ARG B 36 -15.87 17.00 -12.70
N ILE B 37 -14.82 16.40 -13.25
CA ILE B 37 -13.69 17.17 -13.75
C ILE B 37 -13.97 17.69 -15.16
N GLU B 38 -14.32 18.97 -15.27
CA GLU B 38 -14.55 19.58 -16.58
C GLU B 38 -13.27 19.58 -17.42
N LYS B 39 -12.24 20.26 -16.96
CA LYS B 39 -10.97 20.29 -17.69
C LYS B 39 -9.74 20.24 -16.81
N ILE B 40 -8.62 19.81 -17.39
CA ILE B 40 -7.32 19.83 -16.71
C ILE B 40 -6.25 20.44 -17.62
N GLU B 41 -5.51 21.41 -17.10
CA GLU B 41 -4.56 22.15 -17.91
C GLU B 41 -3.18 22.19 -17.28
N ARG B 42 -2.16 21.91 -18.07
CA ARG B 42 -0.79 22.13 -17.62
C ARG B 42 -0.41 23.57 -17.86
N ILE B 43 0.25 24.17 -16.89
CA ILE B 43 0.73 25.54 -17.03
C ILE B 43 2.23 25.63 -17.30
N GLN B 44 2.55 26.27 -18.42
CA GLN B 44 3.92 26.35 -18.91
C GLN B 44 4.50 27.75 -18.86
N ASN B 45 5.16 28.06 -17.76
CA ASN B 45 5.83 29.32 -17.59
C ASN B 45 7.28 29.16 -17.29
N PRO B 46 8.10 29.19 -18.34
CA PRO B 46 9.53 28.96 -18.25
C PRO B 46 10.30 29.84 -17.29
N ASP B 47 9.78 30.98 -16.84
CA ASP B 47 10.48 31.81 -15.85
C ASP B 47 10.18 31.32 -14.45
N LEU B 48 8.96 30.87 -14.23
CA LEU B 48 8.61 30.27 -12.95
C LEU B 48 9.29 28.92 -12.79
N TRP B 49 9.33 28.15 -13.86
CA TRP B 49 9.99 26.86 -13.82
C TRP B 49 11.46 26.98 -13.45
N ASN B 50 12.13 28.01 -13.99
CA ASN B 50 13.55 28.24 -13.74
C ASN B 50 13.77 28.69 -12.32
N SER B 51 13.06 29.72 -11.90
CA SER B 51 13.18 30.22 -10.53
C SER B 51 12.88 29.14 -9.50
N TYR B 52 11.95 28.25 -9.85
CA TYR B 52 11.63 27.13 -9.00
C TYR B 52 12.73 26.07 -8.99
N GLN B 53 13.24 25.75 -10.16
CA GLN B 53 14.25 24.70 -10.31
C GLN B 53 15.55 25.07 -9.62
N ALA B 54 15.95 26.32 -9.79
CA ALA B 54 17.09 26.87 -9.06
C ALA B 54 16.89 26.66 -7.56
N LYS B 55 15.72 27.04 -7.07
CA LYS B 55 15.39 26.86 -5.66
C LYS B 55 15.58 25.42 -5.23
N LYS B 56 15.14 24.48 -6.07
CA LYS B 56 15.21 23.07 -5.75
C LYS B 56 16.64 22.55 -5.70
N LYS B 57 17.44 22.94 -6.69
CA LYS B 57 18.83 22.51 -6.76
C LYS B 57 19.57 22.89 -5.47
N THR B 58 19.35 24.09 -5.00
CA THR B 58 20.07 24.57 -3.81
C THR B 58 19.53 23.93 -2.54
N MET B 59 18.30 23.45 -2.60
CA MET B 59 17.76 22.70 -1.48
C MET B 59 18.28 21.27 -1.57
N ASP B 60 18.35 20.76 -2.79
CA ASP B 60 18.90 19.43 -3.06
C ASP B 60 20.35 19.33 -2.60
N ALA B 61 20.97 20.48 -2.41
CA ALA B 61 22.33 20.50 -1.87
C ALA B 61 22.26 20.50 -0.36
N LYS B 62 21.31 21.25 0.17
CA LYS B 62 21.26 21.54 1.60
C LYS B 62 20.72 20.41 2.46
N ASN B 63 19.65 19.76 2.02
CA ASN B 63 18.94 18.78 2.84
C ASN B 63 19.28 17.31 2.65
N GLY B 64 20.56 16.99 2.48
CA GLY B 64 20.97 15.62 2.29
C GLY B 64 19.96 14.74 1.57
N GLN B 65 19.64 13.60 2.18
CA GLN B 65 18.77 12.59 1.58
C GLN B 65 17.32 13.00 1.38
N THR B 66 16.96 14.14 1.93
CA THR B 66 15.57 14.59 1.98
C THR B 66 14.85 14.62 0.64
N MET B 67 13.55 14.33 0.70
CA MET B 67 12.66 14.51 -0.45
C MET B 67 12.01 15.88 -0.35
N ASN B 68 12.64 16.87 -0.97
CA ASN B 68 12.22 18.26 -0.87
C ASN B 68 10.90 18.52 -1.56
N GLU B 69 10.67 17.84 -2.67
CA GLU B 69 9.47 18.12 -3.47
C GLU B 69 8.28 17.27 -3.04
N LYS B 70 7.11 17.91 -2.99
CA LYS B 70 5.86 17.17 -2.87
C LYS B 70 4.92 17.77 -3.87
N GLN B 71 3.94 16.99 -4.31
CA GLN B 71 2.89 17.53 -5.18
C GLN B 71 1.58 17.68 -4.40
N LEU B 72 1.25 18.91 -4.08
CA LEU B 72 0.15 19.22 -3.19
C LEU B 72 -0.96 19.97 -3.91
N PHE B 73 -2.14 19.98 -3.33
CA PHE B 73 -3.28 20.65 -3.93
C PHE B 73 -3.50 22.02 -3.35
N HIS B 74 -3.98 22.93 -4.19
CA HIS B 74 -4.36 24.26 -3.71
C HIS B 74 -5.60 24.80 -4.40
N GLY B 75 -6.59 25.23 -3.64
CA GLY B 75 -7.78 25.79 -4.25
C GLY B 75 -7.97 27.28 -4.02
N THR B 76 -8.23 28.01 -5.11
CA THR B 76 -8.54 29.45 -5.03
C THR B 76 -9.76 29.80 -5.89
N ASP B 77 -10.07 31.08 -5.92
CA ASP B 77 -11.15 31.57 -6.76
C ASP B 77 -10.64 31.71 -8.19
N ALA B 78 -11.58 31.76 -9.12
CA ALA B 78 -11.25 31.87 -10.52
C ALA B 78 -10.43 33.13 -10.77
N GLY B 79 -10.74 34.19 -10.04
CA GLY B 79 -10.07 35.46 -10.22
C GLY B 79 -8.59 35.41 -9.93
N SER B 80 -8.20 34.46 -9.09
CA SER B 80 -6.81 34.31 -8.68
C SER B 80 -5.99 33.57 -9.73
N VAL B 81 -6.67 32.75 -10.52
CA VAL B 81 -6.01 31.87 -11.48
C VAL B 81 -4.99 32.57 -12.37
N PRO B 82 -5.44 33.61 -13.09
CA PRO B 82 -4.53 34.34 -13.96
C PRO B 82 -3.26 34.80 -13.22
N HIS B 83 -3.44 35.42 -12.06
CA HIS B 83 -2.32 35.79 -11.24
C HIS B 83 -1.40 34.61 -10.96
N VAL B 84 -2.00 33.46 -10.66
CA VAL B 84 -1.21 32.30 -10.27
C VAL B 84 -0.39 31.77 -11.42
N ASN B 85 -0.97 31.71 -12.60
CA ASN B 85 -0.25 31.24 -13.77
C ASN B 85 0.95 32.13 -14.09
N ARG B 86 0.74 33.44 -14.02
CA ARG B 86 1.83 34.38 -14.17
C ARG B 86 2.76 34.30 -12.98
N ASN B 87 2.21 34.55 -11.79
CA ASN B 87 3.02 34.84 -10.61
C ASN B 87 3.27 33.72 -9.60
N GLY B 88 2.35 32.77 -9.52
CA GLY B 88 2.51 31.55 -8.72
C GLY B 88 2.77 31.73 -7.24
N PHE B 89 1.79 32.28 -6.51
CA PHE B 89 1.88 32.39 -5.05
C PHE B 89 2.92 33.40 -4.59
N ASN B 90 2.73 34.65 -5.01
CA ASN B 90 3.58 35.76 -4.58
C ASN B 90 3.14 36.28 -3.24
N ARG B 91 4.03 36.98 -2.56
CA ARG B 91 3.71 37.61 -1.29
C ARG B 91 2.45 38.46 -1.41
N ALA B 100 -4.21 29.44 11.18
CA ALA B 100 -3.84 28.81 12.45
C ALA B 100 -2.37 28.38 12.51
N TYR B 101 -1.71 28.31 11.37
CA TYR B 101 -0.31 27.90 11.34
C TYR B 101 0.61 28.97 10.76
N GLY B 102 0.03 30.12 10.40
CA GLY B 102 0.82 31.24 9.89
C GLY B 102 0.26 31.93 8.68
N LYS B 103 1.03 32.89 8.16
CA LYS B 103 0.63 33.67 7.00
C LYS B 103 1.50 33.38 5.75
N GLY B 104 1.13 32.31 5.05
CA GLY B 104 1.78 31.94 3.81
C GLY B 104 0.74 31.29 2.93
N THR B 105 1.15 30.43 2.01
CA THR B 105 0.17 29.73 1.19
C THR B 105 -0.05 28.34 1.76
N TYR B 106 -1.31 27.95 1.87
CA TYR B 106 -1.67 26.64 2.41
C TYR B 106 -1.84 25.66 1.28
N PHE B 107 -1.10 24.56 1.32
CA PHE B 107 -1.32 23.45 0.38
C PHE B 107 -1.79 22.20 1.11
N ALA B 108 -2.76 21.51 0.51
CA ALA B 108 -3.31 20.31 1.12
C ALA B 108 -2.69 19.04 0.56
N VAL B 109 -2.44 18.08 1.45
CA VAL B 109 -2.00 16.77 1.02
C VAL B 109 -3.09 16.06 0.21
N ASN B 110 -4.35 16.31 0.57
CA ASN B 110 -5.48 15.68 -0.10
C ASN B 110 -6.38 16.66 -0.80
N ALA B 111 -6.84 16.29 -1.99
CA ALA B 111 -7.62 17.18 -2.86
C ALA B 111 -8.82 17.79 -2.19
N ASN B 112 -9.38 17.08 -1.22
CA ASN B 112 -10.65 17.46 -0.64
C ASN B 112 -10.59 18.66 0.29
N TYR B 113 -9.46 18.86 0.96
CA TYR B 113 -9.23 20.05 1.75
C TYR B 113 -9.41 21.27 0.87
N SER B 114 -8.85 21.16 -0.32
CA SER B 114 -8.87 22.27 -1.26
C SER B 114 -10.27 22.52 -1.82
N ALA B 115 -11.08 21.47 -1.88
CA ALA B 115 -12.39 21.57 -2.52
C ALA B 115 -13.43 22.40 -1.74
N ASN B 116 -13.18 22.68 -0.46
CA ASN B 116 -14.04 23.59 0.30
C ASN B 116 -14.21 24.87 -0.47
N ASP B 117 -15.43 25.40 -0.45
CA ASP B 117 -15.78 26.53 -1.28
C ASP B 117 -15.32 27.81 -0.61
N THR B 118 -14.71 27.67 0.56
CA THR B 118 -14.15 28.85 1.21
C THR B 118 -12.86 29.16 0.52
N TYR B 119 -12.28 28.12 -0.09
CA TYR B 119 -11.00 28.21 -0.79
C TYR B 119 -11.17 28.23 -2.30
N SER B 120 -11.68 27.13 -2.86
CA SER B 120 -12.04 27.09 -4.27
C SER B 120 -13.44 27.58 -4.49
N ARG B 121 -13.63 28.89 -4.33
CA ARG B 121 -14.90 29.50 -4.66
C ARG B 121 -15.42 29.01 -6.01
N PRO B 122 -16.74 28.76 -6.09
CA PRO B 122 -17.47 28.50 -7.34
C PRO B 122 -17.86 29.78 -8.07
N ASP B 123 -17.68 29.82 -9.39
CA ASP B 123 -18.14 30.95 -10.17
C ASP B 123 -19.60 30.75 -10.57
N ALA B 124 -20.12 31.66 -11.38
CA ALA B 124 -21.50 31.56 -11.86
C ALA B 124 -21.79 30.19 -12.46
N ASN B 125 -20.77 29.59 -13.05
CA ASN B 125 -20.92 28.27 -13.69
C ASN B 125 -20.91 27.13 -12.69
N GLY B 126 -20.63 27.44 -11.43
CA GLY B 126 -20.45 26.42 -10.42
C GLY B 126 -19.17 25.65 -10.70
N ARG B 127 -18.35 26.17 -11.61
CA ARG B 127 -17.05 25.60 -11.92
C ARG B 127 -16.04 26.00 -10.85
N LYS B 128 -15.21 25.05 -10.45
CA LYS B 128 -14.28 25.27 -9.36
C LYS B 128 -12.88 24.96 -9.83
N HIS B 129 -11.90 25.47 -9.09
CA HIS B 129 -10.51 25.42 -9.52
C HIS B 129 -9.55 24.95 -8.44
N VAL B 130 -8.78 23.91 -8.75
CA VAL B 130 -7.70 23.49 -7.88
C VAL B 130 -6.42 23.18 -8.66
N TYR B 131 -5.33 23.82 -8.26
CA TYR B 131 -4.02 23.56 -8.83
C TYR B 131 -3.43 22.35 -8.18
N TYR B 132 -2.71 21.57 -8.97
CA TYR B 132 -1.96 20.45 -8.44
C TYR B 132 -0.50 20.86 -8.54
N VAL B 133 0.10 21.12 -7.38
CA VAL B 133 1.28 21.98 -7.29
C VAL B 133 2.56 21.27 -6.87
N ARG B 134 3.69 21.73 -7.40
CA ARG B 134 4.97 21.24 -6.92
C ARG B 134 5.43 22.17 -5.82
N VAL B 135 5.52 21.62 -4.61
CA VAL B 135 5.88 22.40 -3.46
C VAL B 135 7.16 21.83 -2.89
N LEU B 136 8.11 22.74 -2.64
CA LEU B 136 9.37 22.39 -2.05
C LEU B 136 9.19 22.40 -0.56
N THR B 137 8.56 21.34 -0.05
CA THR B 137 8.37 21.16 1.39
C THR B 137 9.72 21.12 2.14
N GLY B 138 10.64 20.28 1.66
CA GLY B 138 11.97 20.21 2.25
C GLY B 138 11.88 19.72 3.66
N ILE B 139 12.62 20.36 4.57
CA ILE B 139 12.59 20.03 5.99
C ILE B 139 11.57 20.88 6.73
N TYR B 140 10.62 20.21 7.37
CA TYR B 140 9.49 20.90 7.97
C TYR B 140 9.21 20.60 9.45
N THR B 141 8.43 21.47 10.05
CA THR B 141 8.10 21.41 11.47
C THR B 141 6.69 21.95 11.74
N HIS B 142 6.23 21.88 12.99
CA HIS B 142 4.94 22.44 13.34
C HIS B 142 4.96 23.95 13.31
N GLY B 143 3.98 24.53 12.62
CA GLY B 143 3.89 25.97 12.51
C GLY B 143 2.79 26.56 13.38
N ASN B 144 2.91 27.85 13.68
CA ASN B 144 1.91 28.55 14.48
C ASN B 144 1.55 29.87 13.83
N HIS B 145 0.44 30.47 14.28
CA HIS B 145 -0.11 31.67 13.63
C HIS B 145 0.82 32.87 13.57
N SER B 146 1.83 32.90 14.44
CA SER B 146 2.75 34.03 14.54
C SER B 146 3.92 33.90 13.57
N LEU B 147 3.65 33.34 12.39
CA LEU B 147 4.72 33.05 11.45
C LEU B 147 4.59 33.80 10.12
N ILE B 148 5.49 34.75 9.93
CA ILE B 148 5.66 35.43 8.65
C ILE B 148 6.62 34.62 7.81
N VAL B 149 7.51 33.91 8.51
CA VAL B 149 8.48 33.05 7.87
C VAL B 149 8.60 31.76 8.67
N PRO B 150 9.37 30.79 8.16
CA PRO B 150 9.55 29.57 8.96
C PRO B 150 10.47 29.84 10.15
N PRO B 151 10.22 29.14 11.27
CA PRO B 151 11.08 29.18 12.46
C PRO B 151 12.52 28.73 12.18
N SER B 152 13.47 29.22 12.96
CA SER B 152 14.84 28.77 12.83
C SER B 152 14.95 27.32 13.28
N LYS B 153 15.91 26.59 12.72
CA LYS B 153 16.07 25.18 13.02
C LYS B 153 16.74 25.00 14.37
N ASN B 154 17.51 26.00 14.77
CA ASN B 154 18.13 26.00 16.09
C ASN B 154 18.25 27.42 16.65
N PRO B 155 18.29 27.53 17.99
CA PRO B 155 18.33 28.82 18.69
C PRO B 155 19.70 29.50 18.63
N GLN B 156 20.73 28.73 18.33
CA GLN B 156 22.11 29.25 18.34
C GLN B 156 22.40 30.18 17.17
N ASN B 157 22.19 29.71 15.94
CA ASN B 157 22.23 30.58 14.78
C ASN B 157 20.85 30.64 14.12
N PRO B 158 19.96 31.47 14.69
CA PRO B 158 18.56 31.59 14.29
C PRO B 158 18.38 31.98 12.82
N THR B 159 19.48 32.02 12.07
CA THR B 159 19.45 32.44 10.68
C THR B 159 18.98 31.35 9.72
N ASP B 160 19.45 30.12 9.92
CA ASP B 160 19.11 29.01 9.03
C ASP B 160 17.77 28.38 9.41
N LEU B 161 16.76 28.60 8.59
CA LEU B 161 15.40 28.22 8.91
C LEU B 161 14.97 26.88 8.35
N TYR B 162 13.70 26.55 8.56
CA TYR B 162 13.07 25.42 7.92
C TYR B 162 12.63 25.85 6.52
N ASP B 163 12.14 24.89 5.73
CA ASP B 163 11.72 25.19 4.37
C ASP B 163 10.23 25.47 4.33
N THR B 164 9.49 24.86 5.26
CA THR B 164 8.05 25.01 5.31
C THR B 164 7.51 24.59 6.68
N VAL B 165 6.19 24.65 6.87
CA VAL B 165 5.57 24.18 8.12
C VAL B 165 4.31 23.35 7.90
N THR B 166 4.06 22.41 8.79
CA THR B 166 2.90 21.55 8.67
C THR B 166 2.08 21.56 9.96
N ASP B 167 0.94 20.88 9.92
CA ASP B 167 0.09 20.74 11.09
C ASP B 167 0.61 19.62 12.02
N ASN B 168 1.43 18.74 11.46
CA ASN B 168 1.83 17.53 12.16
C ASN B 168 2.91 16.80 11.37
N VAL B 169 4.14 16.80 11.87
CA VAL B 169 5.27 16.27 11.11
C VAL B 169 5.15 14.77 10.82
N HIS B 170 4.57 14.03 11.75
CA HIS B 170 4.50 12.58 11.58
C HIS B 170 3.30 12.09 10.79
N HIS B 171 2.38 13.00 10.48
CA HIS B 171 1.23 12.64 9.65
C HIS B 171 0.51 13.89 9.12
N PRO B 172 1.22 14.73 8.36
CA PRO B 172 0.73 16.04 7.90
C PRO B 172 -0.43 15.91 6.95
N SER B 173 -1.28 16.91 6.91
CA SER B 173 -2.39 16.94 5.95
C SER B 173 -2.37 18.25 5.21
N LEU B 174 -1.46 19.14 5.60
CA LEU B 174 -1.28 20.42 4.93
C LEU B 174 0.11 21.01 5.16
N PHE B 175 0.61 21.74 4.16
CA PHE B 175 1.86 22.45 4.30
C PHE B 175 1.68 23.92 3.99
N VAL B 176 2.49 24.75 4.65
CA VAL B 176 2.41 26.19 4.48
C VAL B 176 3.73 26.76 4.06
N ALA B 177 3.79 27.28 2.84
CA ALA B 177 5.01 27.85 2.29
C ALA B 177 5.07 29.36 2.51
N PHE B 178 6.28 29.90 2.64
CA PHE B 178 6.45 31.33 2.89
C PHE B 178 7.33 32.10 1.89
N TYR B 179 7.72 31.47 0.78
CA TYR B 179 8.66 32.14 -0.12
C TYR B 179 8.23 32.15 -1.57
N ASP B 180 8.74 33.13 -2.31
CA ASP B 180 8.17 33.52 -3.61
C ASP B 180 8.32 32.51 -4.74
N TYR B 181 9.26 31.57 -4.60
CA TYR B 181 9.47 30.62 -5.68
C TYR B 181 9.57 29.19 -5.20
N GLN B 182 8.70 28.81 -4.26
CA GLN B 182 8.74 27.48 -3.67
C GLN B 182 7.74 26.49 -4.29
N ALA B 183 6.90 26.97 -5.18
CA ALA B 183 5.89 26.13 -5.79
C ALA B 183 5.75 26.46 -7.25
N TYR B 184 5.43 25.47 -8.07
CA TYR B 184 5.13 25.69 -9.48
C TYR B 184 3.77 25.09 -9.82
N PRO B 185 2.86 25.92 -10.36
CA PRO B 185 1.47 25.53 -10.58
C PRO B 185 1.32 24.63 -11.79
N GLU B 186 1.86 23.43 -11.72
CA GLU B 186 1.99 22.59 -12.90
C GLU B 186 0.66 22.27 -13.57
N TYR B 187 -0.36 21.96 -12.77
CA TYR B 187 -1.66 21.60 -13.32
C TYR B 187 -2.78 22.39 -12.70
N LEU B 188 -3.75 22.77 -13.53
CA LEU B 188 -4.98 23.36 -13.06
C LEU B 188 -6.14 22.43 -13.32
N ILE B 189 -6.81 22.02 -12.25
CA ILE B 189 -7.98 21.18 -12.35
C ILE B 189 -9.23 22.05 -12.27
N THR B 190 -10.11 21.89 -13.24
CA THR B 190 -11.39 22.60 -13.22
C THR B 190 -12.48 21.53 -13.09
N PHE B 191 -13.22 21.59 -12.00
CA PHE B 191 -14.22 20.57 -11.71
C PHE B 191 -15.54 21.22 -11.30
N ARG B 192 -16.59 20.41 -11.22
CA ARG B 192 -17.94 20.93 -11.15
C ARG B 192 -18.77 20.40 -9.98
N LYS B 193 -18.61 19.13 -9.67
CA LYS B 193 -19.45 18.46 -8.66
C LYS B 193 -20.83 18.12 -9.22
N LYS C 5 1.79 -14.60 22.46
CA LYS C 5 3.13 -14.48 23.03
C LYS C 5 3.84 -15.84 23.19
N GLN C 6 3.27 -16.70 24.03
CA GLN C 6 3.82 -18.03 24.29
C GLN C 6 2.98 -19.07 23.53
N GLN C 7 3.34 -19.34 22.28
CA GLN C 7 2.46 -20.12 21.41
C GLN C 7 2.51 -21.62 21.65
N ASN C 8 2.47 -22.01 22.92
CA ASN C 8 2.46 -23.42 23.28
C ASN C 8 1.29 -24.10 22.62
N PHE C 9 1.30 -25.43 22.61
CA PHE C 9 0.32 -26.16 21.82
C PHE C 9 0.20 -27.64 22.21
N CYS C 10 -0.90 -28.25 21.81
CA CYS C 10 -1.08 -29.66 22.08
C CYS C 10 -1.45 -30.39 20.78
N VAL C 11 -1.08 -31.66 20.69
CA VAL C 11 -1.34 -32.43 19.49
C VAL C 11 -2.31 -33.57 19.74
N VAL C 12 -3.51 -33.42 19.21
CA VAL C 12 -4.56 -34.41 19.38
C VAL C 12 -4.68 -35.32 18.17
N GLU C 13 -4.60 -36.62 18.42
CA GLU C 13 -4.73 -37.58 17.32
C GLU C 13 -6.19 -37.84 17.02
N LEU C 14 -6.56 -37.68 15.75
CA LEU C 14 -7.93 -37.92 15.30
C LEU C 14 -8.19 -39.40 15.20
N LEU C 15 -9.39 -39.78 15.65
CA LEU C 15 -9.82 -41.16 15.64
C LEU C 15 -10.37 -41.55 14.28
N PRO C 16 -9.78 -42.58 13.66
CA PRO C 16 -10.41 -43.18 12.48
C PRO C 16 -11.83 -43.52 12.85
N SER C 17 -12.78 -43.14 11.99
CA SER C 17 -14.20 -43.29 12.31
C SER C 17 -14.68 -42.02 12.98
N ASP C 18 -14.19 -40.89 12.48
CA ASP C 18 -14.63 -39.58 12.92
C ASP C 18 -15.01 -38.72 11.74
N PRO C 19 -15.96 -37.80 11.94
CA PRO C 19 -16.35 -36.85 10.91
C PRO C 19 -15.17 -36.03 10.40
N GLU C 20 -14.56 -35.30 11.34
CA GLU C 20 -13.40 -34.47 11.09
C GLU C 20 -12.33 -35.28 10.39
N TYR C 21 -12.16 -36.53 10.80
CA TYR C 21 -11.17 -37.41 10.19
C TYR C 21 -11.50 -37.74 8.74
N ASN C 22 -12.68 -38.28 8.50
CA ASN C 22 -13.05 -38.69 7.16
C ASN C 22 -12.91 -37.52 6.18
N THR C 23 -13.28 -36.33 6.65
CA THR C 23 -13.23 -35.14 5.81
C THR C 23 -11.83 -34.88 5.26
N VAL C 24 -10.86 -34.82 6.15
CA VAL C 24 -9.49 -34.58 5.74
C VAL C 24 -9.02 -35.73 4.88
N ALA C 25 -9.24 -36.95 5.37
CA ALA C 25 -8.89 -38.19 4.67
C ALA C 25 -9.43 -38.15 3.24
N SER C 26 -10.67 -37.70 3.10
CA SER C 26 -11.29 -37.54 1.80
C SER C 26 -10.38 -36.74 0.89
N LYS C 27 -10.32 -35.42 1.14
CA LYS C 27 -9.57 -34.49 0.32
C LYS C 27 -8.14 -34.96 0.04
N PHE C 28 -7.51 -35.56 1.04
CA PHE C 28 -6.18 -36.09 0.81
C PHE C 28 -6.26 -37.22 -0.22
N ASN C 29 -7.00 -38.28 0.11
CA ASN C 29 -7.14 -39.44 -0.77
C ASN C 29 -7.62 -39.09 -2.19
N GLN C 30 -8.05 -37.85 -2.35
CA GLN C 30 -8.58 -37.39 -3.63
C GLN C 30 -7.52 -37.36 -4.74
N THR C 31 -6.24 -37.40 -4.37
CA THR C 31 -5.16 -37.46 -5.35
C THR C 31 -4.04 -38.31 -4.78
N CYS C 32 -4.17 -38.65 -3.49
CA CYS C 32 -3.16 -39.43 -2.80
C CYS C 32 -3.74 -40.70 -2.18
N SER C 33 -4.65 -41.33 -2.94
CA SER C 33 -5.27 -42.58 -2.53
C SER C 33 -4.26 -43.72 -2.51
N HIS C 34 -3.31 -43.66 -3.41
CA HIS C 34 -2.23 -44.65 -3.46
C HIS C 34 -1.30 -44.52 -2.26
N PHE C 35 -1.77 -43.81 -1.24
CA PHE C 35 -0.98 -43.58 -0.03
C PHE C 35 -1.64 -44.16 1.22
N ARG C 36 -0.81 -44.67 2.13
CA ARG C 36 -1.30 -45.24 3.38
C ARG C 36 -1.17 -44.23 4.49
N ILE C 37 -2.31 -43.78 5.01
CA ILE C 37 -2.32 -42.76 6.04
C ILE C 37 -2.10 -43.38 7.43
N GLU C 38 -0.88 -43.24 7.96
CA GLU C 38 -0.58 -43.75 9.29
C GLU C 38 -1.40 -43.05 10.37
N LYS C 39 -1.20 -41.74 10.51
CA LYS C 39 -1.98 -40.98 11.48
C LYS C 39 -2.37 -39.59 11.00
N ILE C 40 -3.41 -39.04 11.63
CA ILE C 40 -3.86 -37.67 11.38
C ILE C 40 -4.09 -36.93 12.69
N GLU C 41 -3.49 -35.75 12.82
CA GLU C 41 -3.54 -35.03 14.08
C GLU C 41 -4.00 -33.60 13.90
N ARG C 42 -4.94 -33.17 14.75
CA ARG C 42 -5.29 -31.75 14.80
C ARG C 42 -4.32 -31.00 15.70
N ILE C 43 -3.90 -29.83 15.25
CA ILE C 43 -2.99 -29.02 16.05
C ILE C 43 -3.72 -27.87 16.73
N GLN C 44 -3.61 -27.83 18.05
CA GLN C 44 -4.32 -26.86 18.87
C GLN C 44 -3.39 -25.86 19.55
N ASN C 45 -3.16 -24.75 18.86
CA ASN C 45 -2.34 -23.61 19.31
C ASN C 45 -3.13 -22.34 19.43
N PRO C 46 -3.67 -22.06 20.62
CA PRO C 46 -4.56 -20.93 20.85
C PRO C 46 -4.00 -19.56 20.47
N ASP C 47 -2.70 -19.43 20.46
CA ASP C 47 -2.10 -18.14 20.12
C ASP C 47 -2.03 -17.99 18.61
N LEU C 48 -1.74 -19.09 17.91
CA LEU C 48 -1.78 -19.07 16.46
C LEU C 48 -3.20 -18.94 15.93
N TRP C 49 -4.15 -19.58 16.60
CA TRP C 49 -5.53 -19.49 16.20
C TRP C 49 -6.03 -18.06 16.31
N ASN C 50 -5.66 -17.38 17.39
CA ASN C 50 -6.04 -15.99 17.61
C ASN C 50 -5.43 -15.04 16.59
N SER C 51 -4.12 -15.12 16.45
CA SER C 51 -3.43 -14.25 15.53
C SER C 51 -3.94 -14.46 14.11
N TYR C 52 -4.34 -15.69 13.81
CA TYR C 52 -4.91 -16.02 12.51
C TYR C 52 -6.32 -15.47 12.36
N GLN C 53 -7.13 -15.64 13.40
CA GLN C 53 -8.52 -15.22 13.35
C GLN C 53 -8.66 -13.72 13.21
N ALA C 54 -7.85 -13.01 13.97
CA ALA C 54 -7.74 -11.56 13.87
C ALA C 54 -7.46 -11.18 12.43
N LYS C 55 -6.46 -11.81 11.83
CA LYS C 55 -6.09 -11.57 10.44
C LYS C 55 -7.31 -11.75 9.52
N LYS C 56 -8.09 -12.80 9.78
CA LYS C 56 -9.24 -13.11 8.94
C LYS C 56 -10.34 -12.08 9.05
N LYS C 57 -10.65 -11.67 10.29
CA LYS C 57 -11.68 -10.67 10.54
C LYS C 57 -11.40 -9.38 9.79
N THR C 58 -10.15 -8.96 9.77
CA THR C 58 -9.82 -7.71 9.12
C THR C 58 -9.79 -7.88 7.60
N MET C 59 -9.60 -9.11 7.14
CA MET C 59 -9.71 -9.37 5.72
C MET C 59 -11.18 -9.49 5.34
N ASP C 60 -11.95 -10.13 6.22
CA ASP C 60 -13.39 -10.23 6.06
C ASP C 60 -14.05 -8.86 5.97
N ALA C 61 -13.36 -7.83 6.44
CA ALA C 61 -13.87 -6.48 6.33
C ALA C 61 -13.46 -5.92 4.98
N LYS C 62 -12.23 -6.23 4.59
CA LYS C 62 -11.61 -5.58 3.45
C LYS C 62 -12.12 -6.08 2.10
N ASN C 63 -12.26 -7.38 1.97
CA ASN C 63 -12.51 -7.98 0.66
C ASN C 63 -13.95 -8.30 0.31
N GLY C 64 -14.89 -7.46 0.72
CA GLY C 64 -16.28 -7.64 0.36
C GLY C 64 -16.76 -9.09 0.38
N GLN C 65 -17.38 -9.51 -0.71
CA GLN C 65 -17.95 -10.86 -0.83
C GLN C 65 -16.95 -12.01 -0.89
N THR C 66 -15.68 -11.66 -1.00
CA THR C 66 -14.63 -12.65 -1.21
C THR C 66 -14.60 -13.82 -0.20
N MET C 67 -14.19 -14.97 -0.70
CA MET C 67 -13.89 -16.11 0.15
C MET C 67 -12.41 -16.11 0.45
N ASN C 68 -12.05 -15.50 1.58
CA ASN C 68 -10.66 -15.32 1.94
C ASN C 68 -9.95 -16.63 2.29
N GLU C 69 -10.67 -17.52 2.95
CA GLU C 69 -10.06 -18.76 3.43
C GLU C 69 -10.12 -19.87 2.41
N LYS C 70 -9.02 -20.60 2.29
CA LYS C 70 -9.02 -21.88 1.59
C LYS C 70 -8.29 -22.89 2.48
N GLN C 71 -8.56 -24.16 2.30
CA GLN C 71 -7.82 -25.17 3.03
C GLN C 71 -6.89 -25.90 2.07
N LEU C 72 -5.60 -25.59 2.19
CA LEU C 72 -4.61 -26.05 1.23
C LEU C 72 -3.62 -27.00 1.88
N PHE C 73 -2.91 -27.76 1.07
CA PHE C 73 -1.95 -28.73 1.55
C PHE C 73 -0.53 -28.18 1.56
N HIS C 74 0.25 -28.62 2.52
CA HIS C 74 1.66 -28.25 2.56
C HIS C 74 2.54 -29.40 3.08
N GLY C 75 3.57 -29.74 2.32
CA GLY C 75 4.47 -30.81 2.74
C GLY C 75 5.86 -30.33 3.11
N THR C 76 6.33 -30.75 4.29
CA THR C 76 7.72 -30.47 4.71
C THR C 76 8.38 -31.71 5.27
N ASP C 77 9.61 -31.54 5.74
CA ASP C 77 10.32 -32.62 6.42
C ASP C 77 9.83 -32.74 7.85
N ALA C 78 10.07 -33.90 8.45
CA ALA C 78 9.68 -34.15 9.83
C ALA C 78 10.28 -33.11 10.79
N GLY C 79 11.51 -32.69 10.50
CA GLY C 79 12.22 -31.76 11.34
C GLY C 79 11.54 -30.40 11.44
N SER C 80 10.78 -30.05 10.41
CA SER C 80 10.09 -28.77 10.35
C SER C 80 8.79 -28.78 11.16
N VAL C 81 8.23 -29.98 11.35
CA VAL C 81 6.94 -30.14 12.00
C VAL C 81 6.83 -29.42 13.35
N PRO C 82 7.75 -29.71 14.27
CA PRO C 82 7.70 -29.05 15.59
C PRO C 82 7.66 -27.54 15.44
N HIS C 83 8.54 -26.99 14.62
CA HIS C 83 8.54 -25.57 14.34
C HIS C 83 7.16 -25.09 13.85
N VAL C 84 6.55 -25.87 12.97
CA VAL C 84 5.29 -25.47 12.37
C VAL C 84 4.16 -25.44 13.38
N ASN C 85 4.13 -26.42 14.27
CA ASN C 85 3.07 -26.48 15.29
C ASN C 85 3.17 -25.28 16.23
N ARG C 86 4.39 -24.98 16.66
CA ARG C 86 4.63 -23.79 17.45
C ARG C 86 4.42 -22.53 16.61
N ASN C 87 5.19 -22.42 15.53
CA ASN C 87 5.32 -21.16 14.81
C ASN C 87 4.50 -20.94 13.55
N GLY C 88 4.21 -22.02 12.83
CA GLY C 88 3.30 -21.97 11.70
C GLY C 88 3.67 -21.06 10.53
N PHE C 89 4.78 -21.39 9.87
CA PHE C 89 5.18 -20.68 8.65
C PHE C 89 5.63 -19.25 8.94
N ASN C 90 6.67 -19.15 9.76
CA ASN C 90 7.32 -17.89 10.05
C ASN C 90 8.31 -17.50 8.95
N ARG C 91 8.63 -16.22 8.88
CA ARG C 91 9.63 -15.74 7.94
C ARG C 91 10.91 -16.56 8.08
N ALA C 100 9.62 -20.15 -8.34
CA ALA C 100 9.23 -19.56 -9.63
C ALA C 100 8.20 -18.43 -9.47
N TYR C 101 7.55 -18.37 -8.32
CA TYR C 101 6.52 -17.36 -8.09
C TYR C 101 6.84 -16.45 -6.91
N GLY C 102 7.99 -16.67 -6.29
CA GLY C 102 8.43 -15.82 -5.19
C GLY C 102 8.97 -16.55 -3.98
N LYS C 103 9.26 -15.78 -2.93
CA LYS C 103 9.86 -16.31 -1.72
C LYS C 103 8.89 -16.21 -0.52
N GLY C 104 8.00 -17.19 -0.44
CA GLY C 104 7.05 -17.29 0.66
C GLY C 104 6.80 -18.76 0.91
N THR C 105 5.66 -19.09 1.50
CA THR C 105 5.33 -20.50 1.67
C THR C 105 4.39 -20.95 0.55
N TYR C 106 4.72 -22.07 -0.06
CA TYR C 106 3.90 -22.62 -1.13
C TYR C 106 2.87 -23.59 -0.59
N PHE C 107 1.60 -23.36 -0.90
CA PHE C 107 0.56 -24.31 -0.58
C PHE C 107 -0.08 -24.85 -1.84
N ALA C 108 -0.37 -26.15 -1.84
CA ALA C 108 -0.97 -26.79 -3.01
C ALA C 108 -2.48 -26.95 -2.87
N VAL C 109 -3.19 -26.68 -3.96
CA VAL C 109 -4.63 -26.98 -4.00
C VAL C 109 -4.90 -28.48 -3.88
N ASN C 110 -4.00 -29.30 -4.43
CA ASN C 110 -4.13 -30.77 -4.39
C ASN C 110 -3.03 -31.49 -3.62
N ALA C 111 -3.43 -32.49 -2.85
CA ALA C 111 -2.53 -33.16 -1.92
C ALA C 111 -1.26 -33.69 -2.57
N ASN C 112 -1.35 -33.99 -3.87
CA ASN C 112 -0.27 -34.69 -4.55
C ASN C 112 0.93 -33.81 -4.87
N TYR C 113 0.71 -32.52 -5.10
CA TYR C 113 1.82 -31.58 -5.24
C TYR C 113 2.72 -31.70 -4.03
N SER C 114 2.08 -31.74 -2.86
CA SER C 114 2.78 -31.73 -1.58
C SER C 114 3.50 -33.04 -1.32
N ALA C 115 2.99 -34.13 -1.89
CA ALA C 115 3.55 -35.47 -1.67
C ALA C 115 4.94 -35.72 -2.28
N ASN C 116 5.37 -34.87 -3.22
CA ASN C 116 6.74 -34.94 -3.73
C ASN C 116 7.74 -34.94 -2.59
N ASP C 117 8.74 -35.78 -2.71
CA ASP C 117 9.65 -36.00 -1.62
C ASP C 117 10.70 -34.93 -1.59
N THR C 118 10.58 -33.95 -2.49
CA THR C 118 11.46 -32.80 -2.43
C THR C 118 10.91 -31.88 -1.38
N TYR C 119 9.63 -32.04 -1.10
CA TYR C 119 8.91 -31.21 -0.12
C TYR C 119 8.66 -31.99 1.16
N SER C 120 7.83 -33.02 1.07
CA SER C 120 7.59 -33.92 2.19
C SER C 120 8.64 -35.03 2.20
N ARG C 121 9.87 -34.65 2.51
CA ARG C 121 10.92 -35.62 2.76
C ARG C 121 10.41 -36.80 3.62
N PRO C 122 10.82 -38.02 3.27
CA PRO C 122 10.63 -39.23 4.07
C PRO C 122 11.72 -39.39 5.11
N ASP C 123 11.33 -39.78 6.33
CA ASP C 123 12.32 -40.08 7.36
C ASP C 123 12.73 -41.55 7.24
N ALA C 124 13.54 -42.01 8.19
CA ALA C 124 14.01 -43.39 8.21
C ALA C 124 12.85 -44.38 8.12
N ASN C 125 11.70 -43.98 8.65
CA ASN C 125 10.52 -44.84 8.62
C ASN C 125 9.80 -44.81 7.28
N GLY C 126 10.24 -43.95 6.39
CA GLY C 126 9.53 -43.74 5.14
C GLY C 126 8.20 -43.05 5.39
N ARG C 127 8.02 -42.57 6.61
CA ARG C 127 6.83 -41.79 7.00
C ARG C 127 6.98 -40.40 6.47
N LYS C 128 5.88 -39.87 5.93
CA LYS C 128 5.87 -38.54 5.32
C LYS C 128 4.82 -37.66 5.98
N HIS C 129 4.97 -36.35 5.81
CA HIS C 129 4.15 -35.39 6.53
C HIS C 129 3.56 -34.30 5.65
N VAL C 130 2.25 -34.14 5.70
CA VAL C 130 1.59 -33.02 5.03
C VAL C 130 0.50 -32.40 5.90
N TYR C 131 0.65 -31.09 6.11
CA TYR C 131 -0.34 -30.32 6.84
C TYR C 131 -1.50 -29.98 5.93
N TYR C 132 -2.69 -29.98 6.51
CA TYR C 132 -3.86 -29.54 5.79
C TYR C 132 -4.25 -28.22 6.43
N VAL C 133 -4.01 -27.14 5.69
CA VAL C 133 -3.84 -25.82 6.28
C VAL C 133 -4.94 -24.83 5.92
N ARG C 134 -5.24 -23.93 6.85
CA ARG C 134 -6.15 -22.85 6.57
C ARG C 134 -5.35 -21.67 6.10
N VAL C 135 -5.53 -21.32 4.83
CA VAL C 135 -4.78 -20.25 4.23
C VAL C 135 -5.72 -19.11 3.85
N LEU C 136 -5.37 -17.91 4.29
CA LEU C 136 -6.10 -16.72 3.90
C LEU C 136 -5.63 -16.26 2.53
N THR C 137 -6.11 -16.93 1.50
CA THR C 137 -5.78 -16.57 0.13
C THR C 137 -6.27 -15.16 -0.21
N GLY C 138 -7.49 -14.82 0.22
CA GLY C 138 -8.06 -13.51 -0.03
C GLY C 138 -8.09 -13.20 -1.51
N ILE C 139 -7.73 -11.98 -1.86
CA ILE C 139 -7.64 -11.56 -3.25
C ILE C 139 -6.25 -11.80 -3.84
N TYR C 140 -6.19 -12.57 -4.93
CA TYR C 140 -4.91 -13.04 -5.45
C TYR C 140 -4.67 -12.78 -6.94
N THR C 141 -3.40 -12.90 -7.33
CA THR C 141 -2.93 -12.57 -8.67
C THR C 141 -1.73 -13.43 -9.03
N HIS C 142 -1.26 -13.31 -10.27
CA HIS C 142 -0.09 -14.07 -10.72
C HIS C 142 1.16 -13.53 -10.07
N GLY C 143 1.94 -14.43 -9.48
CA GLY C 143 3.18 -14.05 -8.82
C GLY C 143 4.41 -14.40 -9.63
N ASN C 144 5.51 -13.71 -9.35
CA ASN C 144 6.78 -13.96 -10.02
C ASN C 144 7.92 -14.07 -9.01
N HIS C 145 9.06 -14.59 -9.45
CA HIS C 145 10.16 -14.90 -8.54
C HIS C 145 10.71 -13.71 -7.73
N SER C 146 10.46 -12.49 -8.23
CA SER C 146 11.00 -11.28 -7.62
C SER C 146 10.09 -10.76 -6.52
N LEU C 147 9.47 -11.67 -5.79
CA LEU C 147 8.47 -11.29 -4.80
C LEU C 147 8.82 -11.66 -3.37
N ILE C 148 9.17 -10.65 -2.58
CA ILE C 148 9.35 -10.79 -1.15
C ILE C 148 7.98 -10.61 -0.49
N VAL C 149 7.13 -9.83 -1.15
CA VAL C 149 5.77 -9.59 -0.68
C VAL C 149 4.81 -9.61 -1.87
N PRO C 150 3.51 -9.50 -1.62
CA PRO C 150 2.61 -9.47 -2.77
C PRO C 150 2.69 -8.11 -3.47
N PRO C 151 2.50 -8.10 -4.81
CA PRO C 151 2.43 -6.87 -5.60
C PRO C 151 1.29 -5.96 -5.16
N SER C 152 1.43 -4.66 -5.40
CA SER C 152 0.36 -3.72 -5.13
C SER C 152 -0.80 -3.98 -6.08
N LYS C 153 -2.01 -3.67 -5.64
CA LYS C 153 -3.20 -3.92 -6.45
C LYS C 153 -3.36 -2.86 -7.53
N ASN C 154 -2.78 -1.68 -7.27
CA ASN C 154 -2.75 -0.60 -8.26
C ASN C 154 -1.47 0.23 -8.15
N PRO C 155 -1.07 0.87 -9.26
CA PRO C 155 0.18 1.64 -9.33
C PRO C 155 0.08 3.00 -8.64
N GLN C 156 -1.15 3.47 -8.42
CA GLN C 156 -1.35 4.81 -7.87
C GLN C 156 -1.01 4.91 -6.40
N ASN C 157 -1.61 4.06 -5.57
CA ASN C 157 -1.18 3.91 -4.18
C ASN C 157 -0.63 2.51 -3.94
N PRO C 158 0.63 2.29 -4.33
CA PRO C 158 1.31 0.98 -4.29
C PRO C 158 1.36 0.38 -2.90
N THR C 159 0.68 1.01 -1.94
CA THR C 159 0.72 0.56 -0.55
C THR C 159 -0.23 -0.63 -0.29
N ASP C 160 -1.43 -0.58 -0.84
CA ASP C 160 -2.43 -1.63 -0.61
C ASP C 160 -2.24 -2.84 -1.53
N LEU C 161 -1.76 -3.94 -0.97
CA LEU C 161 -1.33 -5.07 -1.77
C LEU C 161 -2.40 -6.14 -1.93
N TYR C 162 -2.01 -7.23 -2.58
CA TYR C 162 -2.83 -8.44 -2.65
C TYR C 162 -2.61 -9.23 -1.37
N ASP C 163 -3.36 -10.31 -1.19
CA ASP C 163 -3.26 -11.13 0.01
C ASP C 163 -2.33 -12.30 -0.22
N THR C 164 -2.24 -12.74 -1.46
CA THR C 164 -1.39 -13.87 -1.81
C THR C 164 -1.16 -13.90 -3.31
N VAL C 165 -0.45 -14.90 -3.81
CA VAL C 165 -0.25 -15.07 -5.25
C VAL C 165 -0.41 -16.53 -5.71
N THR C 166 -0.84 -16.70 -6.95
CA THR C 166 -1.03 -18.03 -7.49
C THR C 166 -0.31 -18.17 -8.82
N ASP C 167 -0.34 -19.38 -9.37
CA ASP C 167 0.24 -19.65 -10.68
C ASP C 167 -0.72 -19.23 -11.80
N ASN C 168 -2.00 -19.10 -11.47
CA ASN C 168 -3.03 -18.91 -12.48
C ASN C 168 -4.36 -18.60 -11.81
N VAL C 169 -4.82 -17.35 -11.91
CA VAL C 169 -5.99 -16.93 -11.17
C VAL C 169 -7.26 -17.67 -11.56
N HIS C 170 -7.37 -18.04 -12.83
CA HIS C 170 -8.60 -18.67 -13.31
C HIS C 170 -8.63 -20.18 -13.11
N HIS C 171 -7.51 -20.74 -12.69
CA HIS C 171 -7.47 -22.18 -12.43
C HIS C 171 -6.21 -22.56 -11.66
N PRO C 172 -6.03 -21.96 -10.48
CA PRO C 172 -4.80 -22.11 -9.69
C PRO C 172 -4.61 -23.53 -9.22
N SER C 173 -3.36 -23.92 -9.00
CA SER C 173 -3.05 -25.22 -8.40
C SER C 173 -2.16 -25.03 -7.17
N LEU C 174 -1.74 -23.79 -6.93
CA LEU C 174 -0.89 -23.48 -5.78
C LEU C 174 -1.00 -22.00 -5.38
N PHE C 175 -0.87 -21.74 -4.09
CA PHE C 175 -0.86 -20.38 -3.59
C PHE C 175 0.40 -20.14 -2.76
N VAL C 176 0.89 -18.90 -2.80
CA VAL C 176 2.09 -18.52 -2.06
C VAL C 176 1.80 -17.38 -1.12
N ALA C 177 1.91 -17.65 0.18
CA ALA C 177 1.66 -16.63 1.19
C ALA C 177 2.97 -15.96 1.64
N PHE C 178 2.89 -14.70 2.05
CA PHE C 178 4.07 -13.94 2.45
C PHE C 178 4.04 -13.34 3.85
N TYR C 179 3.06 -13.68 4.67
CA TYR C 179 2.93 -13.05 5.99
C TYR C 179 2.79 -14.02 7.17
N ASP C 180 3.19 -13.56 8.34
CA ASP C 180 3.47 -14.43 9.48
C ASP C 180 2.28 -15.12 10.10
N TYR C 181 1.07 -14.61 9.85
CA TYR C 181 -0.11 -15.20 10.46
C TYR C 181 -1.24 -15.43 9.48
N GLN C 182 -0.90 -15.92 8.29
CA GLN C 182 -1.88 -16.11 7.22
C GLN C 182 -2.39 -17.54 7.09
N ALA C 183 -1.81 -18.45 7.87
CA ALA C 183 -2.18 -19.85 7.78
C ALA C 183 -2.20 -20.47 9.16
N TYR C 184 -3.09 -21.44 9.38
CA TYR C 184 -3.12 -22.20 10.62
C TYR C 184 -3.03 -23.67 10.32
N PRO C 185 -2.01 -24.34 10.89
CA PRO C 185 -1.76 -25.75 10.59
C PRO C 185 -2.76 -26.68 11.27
N GLU C 186 -4.01 -26.64 10.85
CA GLU C 186 -5.07 -27.33 11.58
C GLU C 186 -4.86 -28.83 11.70
N TYR C 187 -4.45 -29.46 10.60
CA TYR C 187 -4.25 -30.90 10.61
C TYR C 187 -2.88 -31.29 10.09
N LEU C 188 -2.31 -32.31 10.71
CA LEU C 188 -1.11 -32.94 10.22
C LEU C 188 -1.39 -34.38 9.76
N ILE C 189 -1.16 -34.63 8.48
CA ILE C 189 -1.32 -35.96 7.92
C ILE C 189 0.03 -36.66 7.90
N THR C 190 0.09 -37.83 8.49
CA THR C 190 1.27 -38.68 8.40
C THR C 190 0.93 -39.90 7.56
N PHE C 191 1.62 -40.06 6.43
CA PHE C 191 1.31 -41.13 5.50
C PHE C 191 2.58 -41.83 5.05
N ARG C 192 2.42 -42.97 4.40
CA ARG C 192 3.54 -43.89 4.20
C ARG C 192 3.78 -44.30 2.75
N LYS C 193 2.70 -44.49 1.99
CA LYS C 193 2.78 -45.02 0.62
C LYS C 193 3.02 -46.53 0.62
N LYS D 5 30.71 12.28 33.28
CA LYS D 5 32.06 12.40 33.84
C LYS D 5 32.77 11.06 34.02
N GLN D 6 32.25 10.21 34.88
CA GLN D 6 32.81 8.88 35.15
C GLN D 6 31.96 7.82 34.42
N GLN D 7 32.31 7.52 33.17
CA GLN D 7 31.42 6.72 32.33
C GLN D 7 31.50 5.22 32.61
N ASN D 8 31.49 4.85 33.89
CA ASN D 8 31.50 3.44 34.27
C ASN D 8 30.33 2.74 33.64
N PHE D 9 30.33 1.42 33.69
CA PHE D 9 29.36 0.66 32.89
C PHE D 9 29.29 -0.78 33.30
N CYS D 10 28.19 -1.43 32.92
CA CYS D 10 28.02 -2.84 33.20
C CYS D 10 27.65 -3.57 31.93
N VAL D 11 28.01 -4.85 31.86
CA VAL D 11 27.74 -5.65 30.68
C VAL D 11 26.80 -6.81 30.95
N VAL D 12 25.60 -6.69 30.40
CA VAL D 12 24.56 -7.67 30.63
C VAL D 12 24.44 -8.64 29.47
N GLU D 13 24.54 -9.93 29.74
CA GLU D 13 24.39 -10.90 28.66
C GLU D 13 22.93 -11.18 28.36
N LEU D 14 22.55 -11.05 27.09
CA LEU D 14 21.19 -11.30 26.66
C LEU D 14 20.93 -12.79 26.59
N LEU D 15 19.75 -13.17 27.04
CA LEU D 15 19.35 -14.56 27.06
C LEU D 15 18.79 -14.98 25.71
N PRO D 16 19.37 -16.03 25.12
CA PRO D 16 18.75 -16.64 23.95
C PRO D 16 17.32 -16.99 24.32
N SER D 17 16.36 -16.65 23.47
CA SER D 17 14.95 -16.80 23.81
C SER D 17 14.46 -15.52 24.46
N ASP D 18 14.95 -14.40 23.94
CA ASP D 18 14.50 -13.08 24.37
C ASP D 18 14.10 -12.23 23.16
N PRO D 19 13.15 -11.33 23.37
CA PRO D 19 12.73 -10.40 22.32
C PRO D 19 13.89 -9.58 21.79
N GLU D 20 14.49 -8.83 22.70
CA GLU D 20 15.65 -7.99 22.43
C GLU D 20 16.72 -8.79 21.71
N TYR D 21 16.88 -10.05 22.12
CA TYR D 21 17.89 -10.93 21.55
C TYR D 21 17.56 -11.28 20.11
N ASN D 22 16.36 -11.80 19.90
CA ASN D 22 15.99 -12.26 18.58
C ASN D 22 16.10 -11.13 17.58
N THR D 23 15.72 -9.93 18.02
CA THR D 23 15.75 -8.76 17.16
C THR D 23 17.14 -8.50 16.60
N VAL D 24 18.13 -8.39 17.49
CA VAL D 24 19.50 -8.15 17.04
C VAL D 24 19.94 -9.31 16.19
N ALA D 25 19.72 -10.51 16.71
CA ALA D 25 20.11 -11.74 16.03
C ALA D 25 19.57 -11.75 14.61
N SER D 26 18.32 -11.33 14.47
CA SER D 26 17.70 -11.19 13.16
C SER D 26 18.60 -10.39 12.23
N LYS D 27 18.62 -9.08 12.45
CA LYS D 27 19.36 -8.15 11.60
C LYS D 27 20.78 -8.63 11.31
N PHE D 28 21.43 -9.21 12.33
CA PHE D 28 22.76 -9.73 12.10
C PHE D 28 22.69 -10.86 11.09
N ASN D 29 21.96 -11.92 11.46
CA ASN D 29 21.83 -13.09 10.60
C ASN D 29 21.35 -12.77 9.19
N GLN D 30 20.90 -11.54 9.00
CA GLN D 30 20.35 -11.12 7.71
C GLN D 30 21.40 -11.10 6.60
N THR D 31 22.67 -11.09 6.96
CA THR D 31 23.75 -11.18 5.97
C THR D 31 24.87 -12.00 6.54
N CYS D 32 24.75 -12.32 7.83
CA CYS D 32 25.78 -13.06 8.54
C CYS D 32 25.22 -14.34 9.18
N SER D 33 24.31 -14.99 8.45
CA SER D 33 23.71 -16.24 8.88
C SER D 33 24.73 -17.37 8.92
N HIS D 34 25.69 -17.33 7.99
CA HIS D 34 26.78 -18.30 7.94
C HIS D 34 27.72 -18.14 9.12
N PHE D 35 27.25 -17.45 10.16
CA PHE D 35 28.04 -17.18 11.35
C PHE D 35 27.39 -17.74 12.61
N ARG D 36 28.23 -18.21 13.52
CA ARG D 36 27.79 -18.76 14.80
C ARG D 36 27.93 -17.71 15.87
N ILE D 37 26.79 -17.26 16.40
CA ILE D 37 26.76 -16.24 17.43
C ILE D 37 27.00 -16.83 18.81
N GLU D 38 28.23 -16.71 19.31
CA GLU D 38 28.54 -17.18 20.66
C GLU D 38 27.72 -16.45 21.71
N LYS D 39 27.90 -15.14 21.83
CA LYS D 39 27.15 -14.38 22.82
C LYS D 39 26.72 -12.99 22.33
N ILE D 40 25.68 -12.45 22.95
CA ILE D 40 25.21 -11.10 22.67
C ILE D 40 24.99 -10.35 23.97
N GLU D 41 25.54 -9.14 24.08
CA GLU D 41 25.53 -8.38 25.32
C GLU D 41 25.06 -6.96 25.12
N ARG D 42 24.14 -6.52 25.97
CA ARG D 42 23.76 -5.12 26.00
C ARG D 42 24.73 -4.36 26.88
N ILE D 43 25.13 -3.17 26.42
CA ILE D 43 26.03 -2.35 27.20
C ILE D 43 25.32 -1.16 27.86
N GLN D 44 25.44 -1.10 29.17
CA GLN D 44 24.71 -0.13 29.96
C GLN D 44 25.62 0.89 30.64
N ASN D 45 25.89 1.97 29.93
CA ASN D 45 26.67 3.09 30.45
C ASN D 45 25.81 4.35 30.52
N PRO D 46 25.34 4.68 31.72
CA PRO D 46 24.42 5.79 31.93
C PRO D 46 24.95 7.14 31.43
N ASP D 47 26.27 7.32 31.44
CA ASP D 47 26.85 8.60 31.05
C ASP D 47 26.90 8.74 29.54
N LEU D 48 27.18 7.65 28.85
CA LEU D 48 27.14 7.65 27.40
C LEU D 48 25.71 7.78 26.91
N TRP D 49 24.78 7.13 27.60
CA TRP D 49 23.39 7.18 27.19
C TRP D 49 22.87 8.62 27.28
N ASN D 50 23.28 9.32 28.33
CA ASN D 50 22.85 10.70 28.55
C ASN D 50 23.43 11.63 27.51
N SER D 51 24.75 11.60 27.39
CA SER D 51 25.43 12.42 26.39
C SER D 51 24.92 12.17 24.97
N TYR D 52 24.54 10.94 24.70
CA TYR D 52 23.96 10.58 23.43
C TYR D 52 22.54 11.12 23.28
N GLN D 53 21.72 10.94 24.31
CA GLN D 53 20.32 11.33 24.27
C GLN D 53 20.15 12.83 24.13
N ALA D 54 20.95 13.58 24.89
CA ALA D 54 21.05 15.01 24.76
C ALA D 54 21.31 15.37 23.29
N LYS D 55 22.33 14.76 22.70
CA LYS D 55 22.68 14.98 21.30
C LYS D 55 21.46 14.78 20.41
N LYS D 56 20.70 13.72 20.68
CA LYS D 56 19.55 13.38 19.86
C LYS D 56 18.45 14.41 19.97
N LYS D 57 18.14 14.83 21.19
CA LYS D 57 17.08 15.81 21.45
C LYS D 57 17.32 17.11 20.67
N THR D 58 18.57 17.55 20.63
CA THR D 58 18.90 18.78 19.94
C THR D 58 18.94 18.58 18.42
N MET D 59 19.09 17.33 18.00
CA MET D 59 19.00 17.05 16.58
C MET D 59 17.51 16.92 16.24
N ASP D 60 16.78 16.29 17.14
CA ASP D 60 15.33 16.17 16.99
C ASP D 60 14.64 17.53 16.89
N ALA D 61 15.33 18.58 17.34
CA ALA D 61 14.81 19.93 17.21
C ALA D 61 15.19 20.48 15.85
N LYS D 62 16.42 20.17 15.42
CA LYS D 62 17.03 20.80 14.25
C LYS D 62 16.53 20.27 12.90
N ASN D 63 16.37 18.96 12.79
CA ASN D 63 16.13 18.34 11.49
C ASN D 63 14.68 17.98 11.19
N GLY D 64 13.76 18.85 11.53
CA GLY D 64 12.36 18.62 11.21
C GLY D 64 11.91 17.18 11.27
N GLN D 65 11.28 16.71 10.20
CA GLN D 65 10.70 15.36 10.15
C GLN D 65 11.70 14.22 10.11
N THR D 66 12.97 14.57 10.00
CA THR D 66 14.04 13.60 9.77
C THR D 66 14.08 12.46 10.78
N MET D 67 14.50 11.30 10.29
CA MET D 67 14.82 10.17 11.16
C MET D 67 16.33 10.18 11.46
N ASN D 68 16.68 10.81 12.57
CA ASN D 68 18.07 11.01 12.92
C ASN D 68 18.79 9.73 13.30
N GLU D 69 18.07 8.83 13.93
CA GLU D 69 18.70 7.63 14.47
C GLU D 69 18.67 6.48 13.46
N LYS D 70 19.78 5.77 13.36
CA LYS D 70 19.80 4.48 12.67
C LYS D 70 20.54 3.52 13.55
N GLN D 71 20.26 2.24 13.41
CA GLN D 71 21.02 1.23 14.13
C GLN D 71 21.96 0.51 13.17
N LEU D 72 23.23 0.83 13.26
CA LEU D 72 24.23 0.36 12.31
C LEU D 72 25.24 -0.58 12.97
N PHE D 73 25.96 -1.34 12.16
CA PHE D 73 26.91 -2.29 12.67
C PHE D 73 28.32 -1.71 12.66
N HIS D 74 29.13 -2.11 13.64
CA HIS D 74 30.54 -1.75 13.63
C HIS D 74 31.45 -2.87 14.16
N GLY D 75 32.48 -3.20 13.41
CA GLY D 75 33.38 -4.25 13.85
C GLY D 75 34.78 -3.77 14.20
N THR D 76 35.26 -4.15 15.38
CA THR D 76 36.63 -3.87 15.78
C THR D 76 37.34 -5.09 16.36
N ASP D 77 38.56 -4.89 16.81
CA ASP D 77 39.28 -5.94 17.50
C ASP D 77 38.81 -6.04 18.95
N ALA D 78 39.06 -7.20 19.55
CA ALA D 78 38.69 -7.44 20.92
C ALA D 78 39.28 -6.36 21.83
N GLY D 79 40.50 -5.94 21.51
CA GLY D 79 41.22 -4.99 22.34
C GLY D 79 40.53 -3.65 22.45
N SER D 80 39.76 -3.32 21.42
CA SER D 80 39.04 -2.05 21.35
C SER D 80 37.77 -2.06 22.18
N VAL D 81 37.19 -3.24 22.36
CA VAL D 81 35.92 -3.39 23.05
C VAL D 81 35.83 -2.65 24.39
N PRO D 82 36.76 -2.91 25.31
CA PRO D 82 36.71 -2.24 26.60
C PRO D 82 36.66 -0.73 26.44
N HIS D 83 37.54 -0.20 25.62
CA HIS D 83 37.51 1.22 25.31
C HIS D 83 36.12 1.66 24.86
N VAL D 84 35.52 0.86 23.98
CA VAL D 84 34.25 1.23 23.38
C VAL D 84 33.14 1.27 24.40
N ASN D 85 33.09 0.29 25.29
CA ASN D 85 32.05 0.25 26.32
C ASN D 85 32.13 1.43 27.25
N ARG D 86 33.34 1.77 27.68
CA ARG D 86 33.58 2.99 28.43
C ARG D 86 33.36 4.22 27.55
N ASN D 87 34.12 4.32 26.46
CA ASN D 87 34.25 5.59 25.72
C ASN D 87 33.42 5.77 24.45
N GLY D 88 33.12 4.67 23.77
CA GLY D 88 32.20 4.69 22.65
C GLY D 88 32.54 5.58 21.46
N PHE D 89 33.62 5.26 20.78
CA PHE D 89 34.02 5.97 19.54
C PHE D 89 34.47 7.40 19.82
N ASN D 90 35.52 7.53 20.62
CA ASN D 90 36.16 8.80 20.89
C ASN D 90 37.13 9.17 19.79
N ARG D 91 37.43 10.46 19.68
CA ARG D 91 38.41 10.95 18.72
C ARG D 91 39.70 10.15 18.86
N VAL D 99 40.54 4.92 4.27
CA VAL D 99 39.55 5.94 4.61
C VAL D 99 39.18 6.78 3.37
N ALA D 100 38.32 6.22 2.52
CA ALA D 100 37.92 6.80 1.25
C ALA D 100 36.86 7.92 1.38
N TYR D 101 36.20 7.99 2.53
CA TYR D 101 35.17 8.99 2.75
C TYR D 101 35.48 9.94 3.91
N GLY D 102 36.64 9.73 4.53
CA GLY D 102 37.08 10.60 5.61
C GLY D 102 37.66 9.90 6.82
N LYS D 103 37.94 10.69 7.85
CA LYS D 103 38.54 10.20 9.08
C LYS D 103 37.59 10.32 10.27
N GLY D 104 36.69 9.34 10.37
CA GLY D 104 35.80 9.22 11.50
C GLY D 104 35.56 7.76 11.78
N THR D 105 34.43 7.42 12.38
CA THR D 105 34.12 6.02 12.58
C THR D 105 33.20 5.54 11.48
N TYR D 106 33.51 4.40 10.89
CA TYR D 106 32.69 3.84 9.83
C TYR D 106 31.68 2.86 10.38
N PHE D 107 30.40 3.10 10.09
CA PHE D 107 29.36 2.14 10.44
C PHE D 107 28.71 1.55 9.20
N ALA D 108 28.44 0.25 9.21
CA ALA D 108 27.84 -0.42 8.07
C ALA D 108 26.35 -0.61 8.23
N VAL D 109 25.62 -0.40 7.13
CA VAL D 109 24.19 -0.68 7.11
C VAL D 109 23.93 -2.18 7.27
N ASN D 110 24.83 -3.01 6.73
CA ASN D 110 24.69 -4.47 6.80
C ASN D 110 25.81 -5.14 7.58
N ALA D 111 25.44 -6.12 8.39
CA ALA D 111 26.36 -6.78 9.31
C ALA D 111 27.63 -7.28 8.64
N ASN D 112 27.53 -7.62 7.36
CA ASN D 112 28.61 -8.32 6.68
C ASN D 112 29.81 -7.45 6.33
N TYR D 113 29.57 -6.17 6.08
CA TYR D 113 30.66 -5.21 5.89
C TYR D 113 31.57 -5.27 7.10
N SER D 114 30.93 -5.33 8.28
CA SER D 114 31.65 -5.29 9.54
C SER D 114 32.41 -6.59 9.82
N ALA D 115 31.90 -7.69 9.27
CA ALA D 115 32.48 -9.00 9.53
C ALA D 115 33.85 -9.25 8.89
N ASN D 116 34.27 -8.40 7.95
CA ASN D 116 35.63 -8.48 7.41
C ASN D 116 36.64 -8.44 8.52
N ASP D 117 37.66 -9.28 8.41
CA ASP D 117 38.59 -9.49 9.50
C ASP D 117 39.62 -8.37 9.51
N THR D 118 39.45 -7.42 8.61
CA THR D 118 40.34 -6.28 8.63
C THR D 118 39.81 -5.36 9.69
N TYR D 119 38.52 -5.53 9.99
CA TYR D 119 37.80 -4.68 10.94
C TYR D 119 37.55 -5.43 12.24
N SER D 120 36.71 -6.45 12.19
CA SER D 120 36.53 -7.35 13.32
C SER D 120 37.59 -8.44 13.33
N ARG D 121 38.83 -8.05 13.60
CA ARG D 121 39.87 -9.02 13.86
C ARG D 121 39.39 -10.17 14.74
N PRO D 122 39.83 -11.39 14.41
CA PRO D 122 39.65 -12.60 15.24
C PRO D 122 40.75 -12.73 16.29
N ASP D 123 40.38 -13.10 17.51
CA ASP D 123 41.38 -13.38 18.53
C ASP D 123 41.81 -14.85 18.44
N ALA D 124 42.64 -15.27 19.39
CA ALA D 124 43.12 -16.65 19.42
C ALA D 124 41.96 -17.65 19.35
N ASN D 125 40.81 -17.26 19.88
CA ASN D 125 39.64 -18.13 19.90
C ASN D 125 38.92 -18.15 18.57
N GLY D 126 39.34 -17.29 17.65
CA GLY D 126 38.62 -17.11 16.41
C GLY D 126 37.28 -16.44 16.67
N ARG D 127 37.13 -15.92 17.89
CA ARG D 127 35.94 -15.16 18.27
C ARG D 127 36.04 -13.74 17.71
N LYS D 128 34.92 -13.25 17.20
CA LYS D 128 34.88 -11.95 16.55
C LYS D 128 33.84 -11.07 17.22
N HIS D 129 33.97 -9.76 17.01
CA HIS D 129 33.15 -8.80 17.72
C HIS D 129 32.53 -7.73 16.82
N VAL D 130 31.22 -7.58 16.90
CA VAL D 130 30.55 -6.49 16.20
C VAL D 130 29.46 -5.87 17.07
N TYR D 131 29.58 -4.55 17.27
CA TYR D 131 28.59 -3.78 17.98
C TYR D 131 27.42 -3.46 17.08
N TYR D 132 26.24 -3.49 17.65
CA TYR D 132 25.06 -3.05 16.95
C TYR D 132 24.67 -1.72 17.57
N VAL D 133 24.89 -0.65 16.82
CA VAL D 133 25.05 0.68 17.38
C VAL D 133 23.93 1.65 17.00
N ARG D 134 23.64 2.57 17.92
CA ARG D 134 22.72 3.64 17.62
C ARG D 134 23.52 4.82 17.11
N VAL D 135 23.30 5.14 15.86
CA VAL D 135 24.04 6.22 15.24
C VAL D 135 23.09 7.32 14.82
N LEU D 136 23.44 8.53 15.22
CA LEU D 136 22.70 9.70 14.85
C LEU D 136 23.14 10.13 13.49
N THR D 137 22.64 9.43 12.47
CA THR D 137 22.92 9.79 11.08
C THR D 137 22.41 11.20 10.73
N GLY D 138 21.16 11.49 11.09
CA GLY D 138 20.58 12.79 10.84
C GLY D 138 20.55 13.10 9.37
N ILE D 139 20.92 14.32 9.00
CA ILE D 139 21.00 14.74 7.60
C ILE D 139 22.39 14.49 7.02
N TYR D 140 22.45 13.72 5.96
CA TYR D 140 23.73 13.28 5.44
C TYR D 140 23.95 13.51 3.95
N THR D 141 25.21 13.41 3.55
CA THR D 141 25.64 13.69 2.18
C THR D 141 26.86 12.82 1.81
N HIS D 142 27.30 12.90 0.56
CA HIS D 142 28.49 12.16 0.13
C HIS D 142 29.74 12.73 0.76
N GLY D 143 30.54 11.85 1.36
CA GLY D 143 31.78 12.26 1.99
C GLY D 143 33.01 11.90 1.17
N ASN D 144 34.10 12.61 1.44
CA ASN D 144 35.38 12.36 0.75
C ASN D 144 36.51 12.29 1.76
N HIS D 145 37.66 11.77 1.34
CA HIS D 145 38.79 11.49 2.23
C HIS D 145 39.33 12.70 3.00
N SER D 146 39.06 13.90 2.49
CA SER D 146 39.59 15.14 3.07
C SER D 146 38.68 15.67 4.17
N LEU D 147 38.08 14.76 4.93
CA LEU D 147 37.09 15.16 5.91
C LEU D 147 37.46 14.82 7.35
N ILE D 148 37.78 15.84 8.12
CA ILE D 148 37.99 15.72 9.55
C ILE D 148 36.64 15.89 10.22
N VAL D 149 35.77 16.63 9.55
CA VAL D 149 34.42 16.88 10.01
C VAL D 149 33.45 16.83 8.83
N PRO D 150 32.13 16.91 9.10
CA PRO D 150 31.22 16.94 7.95
C PRO D 150 31.28 18.28 7.23
N PRO D 151 31.07 18.27 5.91
CA PRO D 151 30.97 19.48 5.09
C PRO D 151 29.83 20.40 5.54
N SER D 152 29.96 21.69 5.26
CA SER D 152 28.89 22.63 5.54
C SER D 152 27.72 22.33 4.60
N LYS D 153 26.51 22.65 5.04
CA LYS D 153 25.31 22.37 4.26
C LYS D 153 25.14 23.40 3.16
N ASN D 154 25.71 24.59 3.38
CA ASN D 154 25.71 25.65 2.38
C ASN D 154 26.98 26.49 2.46
N PRO D 155 27.37 27.11 1.34
CA PRO D 155 28.60 27.90 1.25
C PRO D 155 28.49 29.26 1.92
N GLN D 156 27.27 29.73 2.13
CA GLN D 156 27.04 31.08 2.65
C GLN D 156 27.42 31.21 4.14
N ASN D 157 26.83 30.36 4.98
CA ASN D 157 27.28 30.26 6.36
C ASN D 157 27.85 28.86 6.62
N PRO D 158 29.11 28.65 6.22
CA PRO D 158 29.80 27.36 6.28
C PRO D 158 29.86 26.77 7.68
N THR D 159 29.19 27.41 8.63
CA THR D 159 29.24 26.98 10.02
C THR D 159 28.33 25.79 10.33
N ASP D 160 27.11 25.81 9.80
CA ASP D 160 26.13 24.75 10.06
C ASP D 160 26.32 23.54 9.15
N LEU D 161 26.82 22.45 9.72
CA LEU D 161 27.24 21.31 8.93
C LEU D 161 26.16 20.23 8.78
N TYR D 162 26.56 19.13 8.14
CA TYR D 162 25.76 17.91 8.11
C TYR D 162 26.01 17.15 9.41
N ASP D 163 25.27 16.06 9.61
CA ASP D 163 25.40 15.27 10.83
C ASP D 163 26.35 14.12 10.62
N THR D 164 26.43 13.64 9.38
CA THR D 164 27.27 12.51 9.03
C THR D 164 27.47 12.45 7.52
N VAL D 165 28.19 11.44 7.04
CA VAL D 165 28.39 11.27 5.61
C VAL D 165 28.26 9.81 5.19
N THR D 166 27.82 9.60 3.96
CA THR D 166 27.64 8.25 3.43
C THR D 166 28.34 8.09 2.09
N ASP D 167 28.31 6.87 1.55
CA ASP D 167 28.88 6.60 0.24
C ASP D 167 27.91 6.98 -0.88
N ASN D 168 26.64 7.11 -0.53
CA ASN D 168 25.60 7.29 -1.52
C ASN D 168 24.27 7.59 -0.85
N VAL D 169 23.78 8.81 -0.97
CA VAL D 169 22.61 9.24 -0.21
C VAL D 169 21.34 8.47 -0.58
N HIS D 170 21.24 8.08 -1.85
CA HIS D 170 20.00 7.43 -2.30
C HIS D 170 20.00 5.92 -2.08
N HIS D 171 21.13 5.36 -1.67
CA HIS D 171 21.20 3.94 -1.36
C HIS D 171 22.47 3.60 -0.59
N PRO D 172 22.65 4.20 0.59
CA PRO D 172 23.88 4.08 1.37
C PRO D 172 24.11 2.68 1.86
N SER D 173 25.36 2.31 2.07
CA SER D 173 25.71 1.03 2.68
C SER D 173 26.63 1.23 3.88
N LEU D 174 27.02 2.48 4.12
CA LEU D 174 27.87 2.83 5.25
C LEU D 174 27.72 4.31 5.64
N PHE D 175 27.86 4.59 6.93
CA PHE D 175 27.87 5.98 7.39
C PHE D 175 29.14 6.24 8.17
N VAL D 176 29.57 7.50 8.15
CA VAL D 176 30.79 7.89 8.84
C VAL D 176 30.51 9.04 9.76
N ALA D 177 30.62 8.80 11.06
CA ALA D 177 30.40 9.84 12.06
C ALA D 177 31.70 10.52 12.48
N PHE D 178 31.61 11.79 12.89
CA PHE D 178 32.80 12.55 13.26
C PHE D 178 32.79 13.18 14.66
N TYR D 179 31.80 12.85 15.49
CA TYR D 179 31.69 13.51 16.79
C TYR D 179 31.58 12.56 17.97
N ASP D 180 31.98 13.05 19.14
CA ASP D 180 32.27 12.20 20.30
C ASP D 180 31.09 11.50 20.95
N TYR D 181 29.88 11.99 20.70
CA TYR D 181 28.71 11.39 21.33
C TYR D 181 27.58 11.15 20.35
N GLN D 182 27.90 10.64 19.17
CA GLN D 182 26.91 10.41 18.12
C GLN D 182 26.42 8.97 18.03
N ALA D 183 27.03 8.09 18.81
CA ALA D 183 26.67 6.69 18.75
C ALA D 183 26.65 6.10 20.15
N TYR D 184 25.79 5.12 20.38
CA TYR D 184 25.78 4.42 21.65
C TYR D 184 25.86 2.92 21.40
N PRO D 185 26.90 2.26 21.95
CA PRO D 185 27.18 0.86 21.66
C PRO D 185 26.20 -0.07 22.34
N GLU D 186 24.93 -0.05 21.93
CA GLU D 186 23.90 -0.73 22.69
C GLU D 186 24.13 -2.22 22.83
N TYR D 187 24.53 -2.88 21.75
CA TYR D 187 24.74 -4.32 21.78
C TYR D 187 26.11 -4.71 21.26
N LEU D 188 26.70 -5.71 21.90
CA LEU D 188 27.91 -6.34 21.40
C LEU D 188 27.64 -7.78 20.97
N ILE D 189 27.87 -8.06 19.70
CA ILE D 189 27.70 -9.40 19.17
C ILE D 189 29.05 -10.08 19.15
N THR D 190 29.12 -11.25 19.75
CA THR D 190 30.32 -12.08 19.67
C THR D 190 30.00 -13.33 18.86
N PHE D 191 30.68 -13.50 17.74
CA PHE D 191 30.37 -14.59 16.82
C PHE D 191 31.64 -15.29 16.37
N ARG D 192 31.48 -16.44 15.72
CA ARG D 192 32.60 -17.35 15.54
C ARG D 192 32.84 -17.77 14.09
N LYS D 193 31.75 -17.99 13.34
CA LYS D 193 31.82 -18.54 11.98
C LYS D 193 32.08 -20.04 12.00
N3 3AB E . -35.16 -0.55 -5.78
C3 3AB E . -34.58 -1.15 -6.79
C2 3AB E . -34.81 -0.77 -8.08
C4 3AB E . -33.73 -2.18 -6.52
C5 3AB E . -33.09 -2.86 -7.53
C6 3AB E . -33.31 -2.48 -8.81
C1 3AB E . -34.17 -1.46 -9.08
C1' 3AB E . -34.37 -1.12 -10.49
O1' 3AB E . -34.13 -1.92 -11.38
N1' 3AB E . -34.83 0.07 -10.70
N3 3AB F . -6.14 25.72 5.50
C3 3AB F . -5.91 25.09 4.34
C2 3AB F . -6.11 25.74 3.12
C4 3AB F . -5.49 23.77 4.33
C5 3AB F . -5.25 23.09 3.14
C6 3AB F . -5.46 23.74 1.92
C1 3AB F . -5.89 25.05 1.92
C1' 3AB F . -6.11 25.77 0.58
O1' 3AB F . -5.93 25.20 -0.49
N1' 3AB F . -6.49 27.03 0.71
N3 3AB G . 6.61 -25.72 -4.44
C3 3AB G . 5.44 -26.09 -3.94
C2 3AB G . 5.39 -26.73 -2.72
C4 3AB G . 4.25 -25.85 -4.63
C5 3AB G . 3.03 -26.24 -4.10
C6 3AB G . 2.98 -26.88 -2.86
C1 3AB G . 4.17 -27.13 -2.18
C1' 3AB G . 4.16 -27.83 -0.82
O1' 3AB G . 3.13 -28.33 -0.37
N1' 3AB G . 5.36 -27.95 -0.25
N3 3AB H . 35.05 1.03 6.15
C3 3AB H . 34.02 0.50 6.84
C2 3AB H . 34.19 0.02 8.13
C4 3AB H . 32.77 0.43 6.25
C5 3AB H . 31.69 -0.12 6.94
C6 3AB H . 31.84 -0.60 8.23
C1 3AB H . 33.10 -0.52 8.82
C1' 3AB H . 33.28 -1.05 10.24
O1' 3AB H . 32.35 -1.63 10.83
N1' 3AB H . 34.52 -0.88 10.71
#